data_4U6P
#
_entry.id   4U6P
#
_cell.length_a   66.150
_cell.length_b   129.286
_cell.length_c   167.713
_cell.angle_alpha   90.00
_cell.angle_beta   90.00
_cell.angle_gamma   90.00
#
_symmetry.space_group_name_H-M   'P 21 21 21'
#
loop_
_entity.id
_entity.type
_entity.pdbx_description
1 polymer 'DNA polymerase kappa'
2 polymer "DNA (5'-D(P*GP*CP*GP*GP*AP*TP*CP*AP*C)-3')"
3 polymer "DNA (5'-D(*TP*AP*TP*GP*GP*TP*GP*AP*TP*CP*CP*GP*C)-3')"
4 non-polymer 'MAGNESIUM ION'
5 non-polymer "2',3'-DIDEOXYCYTIDINE 5'-TRIPHOSPHATE"
6 non-polymer 'TRIETHYLENE GLYCOL'
7 water water
#
loop_
_entity_poly.entity_id
_entity_poly.type
_entity_poly.pdbx_seq_one_letter_code
_entity_poly.pdbx_strand_id
1 'polypeptide(L)'
;MDSTKEKCDSYKDDLLLRMGLNDNKAGMEGLDKEKINKIIMEATKGSRFYGNELKKEKQVNQRIENMMQQKAQITSQQLR
KAQLQVDRFAMELEQSRNLSNTIVHIDMDAFYAAVEMRDNPELKDKPIAVGSMSMLSTSNYHARRFGVRAAMPGFIAKRL
CPQLIIVPPNFDKYRAVSKEVKEILADYDPNFMAMSLDEAYLNITKHLEERQNWPEDKRRYFIKMGSSVENDNPGKEVNK
LSEHERSISPLLFEESPSDVQPPGDPFQVNFEEQNNPQILQNSVVFGTSAQEVVKEIRFRIEQKTTLTASAGIAPNTMLA
KVCSDKNKPNGQYQILPNRQAVMDFIKDLPIRKVSGIGKVTEKMLKALGIITCTELYQQRALLSLLFSETSWHYFLHISL
GLGSTHLTRDGERKSMSVERTFSEINKAEEQYSLCQELCSELAQDLQKERLKGRTVTIKLKNVNFEVKTRASTVSSVVST
AEEIFAIAKELLKTEIDADFPHPLRLRLMGVRISSFPNEEDRKHQQ
;
A,B
2 'polydeoxyribonucleotide' (DG)(DC)(DG)(DG)(DA)(DT)(DC)(DA)(DC) C,P
3 'polydeoxyribonucleotide' (DT)(DA)(DT)(DG)(DG)(DT)(DG)(DA)(DT)(DC)(DC)(DG)(DC) D,T
#
loop_
_chem_comp.id
_chem_comp.type
_chem_comp.name
_chem_comp.formula
DA DNA linking 2'-DEOXYADENOSINE-5'-MONOPHOSPHATE 'C10 H14 N5 O6 P'
DC DNA linking 2'-DEOXYCYTIDINE-5'-MONOPHOSPHATE 'C9 H14 N3 O7 P'
DCT DNA linking '2',3'-DIDEOXYCYTIDINE 5'-TRIPHOSPHATE' 'C9 H16 N3 O12 P3'
DG DNA linking 2'-DEOXYGUANOSINE-5'-MONOPHOSPHATE 'C10 H14 N5 O7 P'
DT DNA linking THYMIDINE-5'-MONOPHOSPHATE 'C10 H15 N2 O8 P'
MG non-polymer 'MAGNESIUM ION' 'Mg 2'
PGE non-polymer 'TRIETHYLENE GLYCOL' 'C6 H14 O4'
#
# COMPACT_ATOMS: atom_id res chain seq x y z
N LEU A 31 -5.27 -28.20 14.90
CA LEU A 31 -6.22 -28.75 13.93
C LEU A 31 -5.56 -29.78 13.01
N ASP A 32 -6.40 -30.62 12.40
CA ASP A 32 -5.97 -31.72 11.53
C ASP A 32 -6.54 -31.65 10.09
N LYS A 33 -5.78 -32.19 9.14
CA LYS A 33 -6.08 -32.15 7.70
C LYS A 33 -7.55 -32.42 7.33
N GLU A 34 -8.28 -33.12 8.19
CA GLU A 34 -9.69 -33.38 7.91
C GLU A 34 -10.59 -32.23 8.39
N LYS A 35 -10.29 -31.70 9.56
CA LYS A 35 -11.10 -30.63 10.13
C LYS A 35 -10.90 -29.30 9.38
N ILE A 36 -9.65 -29.06 9.00
CA ILE A 36 -9.28 -27.84 8.29
C ILE A 36 -10.05 -27.70 6.99
N ASN A 37 -9.99 -28.75 6.16
CA ASN A 37 -10.72 -28.78 4.89
C ASN A 37 -12.21 -28.50 5.06
N LYS A 38 -12.71 -28.88 6.23
CA LYS A 38 -14.12 -28.70 6.58
C LYS A 38 -14.40 -27.23 6.85
N ILE A 39 -13.62 -26.62 7.77
CA ILE A 39 -13.78 -25.20 8.16
C ILE A 39 -13.63 -24.30 6.94
N ILE A 40 -12.70 -24.67 6.08
CA ILE A 40 -12.46 -23.94 4.84
C ILE A 40 -13.69 -24.04 3.97
N MET A 41 -14.18 -25.27 3.81
CA MET A 41 -15.37 -25.51 2.99
C MET A 41 -16.56 -24.68 3.48
N GLU A 42 -16.71 -24.57 4.80
CA GLU A 42 -17.81 -23.81 5.38
C GLU A 42 -17.63 -22.33 5.09
N ALA A 43 -16.39 -21.87 5.12
CA ALA A 43 -16.13 -20.45 4.95
C ALA A 43 -16.23 -19.99 3.50
N THR A 44 -15.83 -20.86 2.57
CA THR A 44 -15.86 -20.50 1.17
C THR A 44 -17.20 -20.74 0.48
N LYS A 45 -18.05 -21.56 1.11
CA LYS A 45 -19.24 -22.07 0.42
C LYS A 45 -20.25 -20.97 0.07
N GLY A 46 -20.64 -20.94 -1.21
CA GLY A 46 -21.66 -20.03 -1.66
C GLY A 46 -21.13 -18.72 -2.19
N SER A 47 -19.84 -18.47 -1.93
CA SER A 47 -19.19 -17.25 -2.39
C SER A 47 -18.98 -17.30 -3.89
N ARG A 48 -18.90 -16.12 -4.52
CA ARG A 48 -18.66 -16.04 -5.96
C ARG A 48 -17.31 -16.66 -6.29
N PHE A 49 -16.34 -16.44 -5.40
CA PHE A 49 -15.02 -17.02 -5.53
C PHE A 49 -15.11 -18.53 -5.71
N TYR A 50 -15.92 -19.16 -4.86
CA TYR A 50 -16.04 -20.60 -4.87
C TYR A 50 -16.78 -21.11 -6.12
N GLY A 51 -17.76 -20.34 -6.58
CA GLY A 51 -18.42 -20.67 -7.82
C GLY A 51 -17.41 -20.72 -8.95
N ASN A 52 -16.53 -19.73 -8.99
CA ASN A 52 -15.55 -19.70 -10.06
C ASN A 52 -14.60 -20.88 -9.93
N GLU A 53 -14.35 -21.30 -8.70
CA GLU A 53 -13.44 -22.43 -8.50
C GLU A 53 -14.08 -23.71 -9.04
N LEU A 54 -15.37 -23.87 -8.78
CA LEU A 54 -16.10 -25.03 -9.26
C LEU A 54 -16.08 -25.08 -10.78
N LYS A 55 -16.30 -23.93 -11.41
CA LYS A 55 -16.23 -23.84 -12.86
C LYS A 55 -14.86 -24.28 -13.38
N LYS A 56 -13.81 -23.85 -12.67
CA LYS A 56 -12.46 -24.14 -13.11
C LYS A 56 -12.14 -25.62 -12.97
N GLU A 57 -12.62 -26.21 -11.87
CA GLU A 57 -12.46 -27.63 -11.62
C GLU A 57 -13.24 -28.46 -12.63
N LYS A 58 -14.43 -28.00 -13.04
CA LYS A 58 -15.17 -28.72 -14.08
C LYS A 58 -14.33 -28.70 -15.35
N GLN A 59 -13.71 -27.56 -15.67
CA GLN A 59 -12.89 -27.53 -16.89
C GLN A 59 -11.73 -28.53 -16.79
N VAL A 60 -11.11 -28.57 -15.62
CA VAL A 60 -9.97 -29.48 -15.43
C VAL A 60 -10.42 -30.93 -15.57
N ASN A 61 -11.55 -31.25 -14.95
CA ASN A 61 -12.17 -32.55 -15.07
C ASN A 61 -12.47 -32.95 -16.49
N GLN A 62 -13.06 -32.04 -17.27
CA GLN A 62 -13.38 -32.34 -18.66
C GLN A 62 -12.11 -32.59 -19.48
N ARG A 63 -11.09 -31.80 -19.16
CA ARG A 63 -9.81 -31.85 -19.87
C ARG A 63 -9.16 -33.22 -19.61
N ILE A 64 -9.37 -33.70 -18.39
CA ILE A 64 -8.90 -35.03 -18.03
C ILE A 64 -9.71 -36.09 -18.77
N GLU A 65 -11.04 -35.99 -18.73
CA GLU A 65 -11.88 -36.94 -19.43
C GLU A 65 -11.44 -37.09 -20.88
N ASN A 66 -11.17 -35.96 -21.53
CA ASN A 66 -10.70 -35.97 -22.91
C ASN A 66 -9.39 -36.71 -23.05
N MET A 67 -8.48 -36.46 -22.10
CA MET A 67 -7.19 -37.13 -22.17
C MET A 67 -7.40 -38.63 -22.05
N MET A 68 -8.29 -39.04 -21.17
CA MET A 68 -8.61 -40.45 -20.97
C MET A 68 -9.19 -41.05 -22.25
N GLN A 69 -10.05 -40.29 -22.92
CA GLN A 69 -10.60 -40.74 -24.20
C GLN A 69 -9.44 -40.99 -25.16
N GLN A 70 -8.38 -40.21 -25.02
CA GLN A 70 -7.21 -40.44 -25.84
C GLN A 70 -6.42 -41.69 -25.43
N LYS A 71 -6.28 -41.92 -24.12
CA LYS A 71 -5.57 -43.10 -23.61
C LYS A 71 -6.33 -44.38 -23.95
N ALA A 72 -7.62 -44.25 -24.22
CA ALA A 72 -8.44 -45.39 -24.57
C ALA A 72 -8.11 -45.85 -25.99
N GLN A 73 -7.97 -44.89 -26.88
CA GLN A 73 -7.74 -45.17 -28.30
C GLN A 73 -6.28 -45.41 -28.65
N ILE A 74 -5.43 -45.58 -27.65
CA ILE A 74 -4.03 -45.88 -27.93
C ILE A 74 -3.87 -47.38 -28.14
N THR A 75 -3.08 -47.77 -29.15
CA THR A 75 -2.88 -49.18 -29.44
C THR A 75 -1.50 -49.65 -29.06
N SER A 76 -1.42 -50.90 -28.60
CA SER A 76 -0.17 -51.57 -28.23
C SER A 76 0.96 -51.33 -29.22
N GLN A 77 0.64 -51.32 -30.51
CA GLN A 77 1.62 -51.06 -31.55
C GLN A 77 2.28 -49.70 -31.35
N GLN A 78 1.42 -48.69 -31.19
CA GLN A 78 1.88 -47.32 -31.03
C GLN A 78 2.67 -47.16 -29.73
N LEU A 79 2.20 -47.80 -28.66
CA LEU A 79 2.94 -47.82 -27.40
C LEU A 79 4.34 -48.38 -27.56
N ARG A 80 4.47 -49.51 -28.23
CA ARG A 80 5.77 -50.13 -28.48
C ARG A 80 6.72 -49.17 -29.24
N LYS A 81 6.20 -48.59 -30.32
CA LYS A 81 7.02 -47.69 -31.13
C LYS A 81 7.46 -46.45 -30.31
N ALA A 82 6.51 -45.90 -29.56
CA ALA A 82 6.73 -44.72 -28.74
C ALA A 82 7.78 -45.04 -27.70
N GLN A 83 7.68 -46.23 -27.12
CA GLN A 83 8.62 -46.72 -26.15
C GLN A 83 10.02 -46.67 -26.69
N LEU A 84 10.21 -47.17 -27.91
CA LEU A 84 11.57 -47.16 -28.46
C LEU A 84 12.04 -45.73 -28.74
N GLN A 85 11.11 -44.86 -29.13
CA GLN A 85 11.47 -43.47 -29.42
C GLN A 85 11.98 -42.79 -28.14
N VAL A 86 11.20 -42.92 -27.08
CA VAL A 86 11.50 -42.29 -25.81
C VAL A 86 12.76 -42.88 -25.19
N ASP A 87 12.93 -44.19 -25.27
CA ASP A 87 14.15 -44.83 -24.75
C ASP A 87 15.39 -44.35 -25.51
N ARG A 88 15.20 -44.01 -26.79
CA ARG A 88 16.33 -43.57 -27.59
C ARG A 88 16.74 -42.20 -27.05
N PHE A 89 15.75 -41.31 -26.95
CA PHE A 89 16.01 -39.95 -26.48
C PHE A 89 16.50 -39.94 -25.03
N ALA A 90 16.04 -40.94 -24.27
CA ALA A 90 16.41 -41.11 -22.88
C ALA A 90 17.88 -41.46 -22.77
N MET A 91 18.34 -42.44 -23.55
CA MET A 91 19.75 -42.78 -23.56
C MET A 91 20.55 -41.53 -23.95
N GLU A 92 20.00 -40.74 -24.87
CA GLU A 92 20.67 -39.51 -25.28
C GLU A 92 20.87 -38.57 -24.08
N LEU A 93 19.84 -38.48 -23.23
CA LEU A 93 19.96 -37.66 -22.02
C LEU A 93 20.99 -38.26 -21.06
N GLU A 94 20.83 -39.55 -20.80
CA GLU A 94 21.57 -40.23 -19.77
C GLU A 94 23.05 -40.24 -20.02
N GLN A 95 23.44 -40.24 -21.28
CA GLN A 95 24.87 -40.19 -21.57
C GLN A 95 25.44 -38.80 -21.27
N SER A 96 24.59 -37.78 -21.34
CA SER A 96 25.07 -36.42 -21.13
C SER A 96 24.87 -35.94 -19.68
N ARG A 97 24.45 -36.85 -18.79
CA ARG A 97 24.24 -36.47 -17.40
C ARG A 97 25.47 -35.83 -16.79
N ASN A 98 25.33 -34.58 -16.36
CA ASN A 98 26.42 -33.82 -15.75
C ASN A 98 26.33 -33.85 -14.23
N LEU A 99 27.35 -34.41 -13.57
CA LEU A 99 27.33 -34.49 -12.12
C LEU A 99 28.54 -33.80 -11.51
N SER A 100 29.15 -32.90 -12.27
CA SER A 100 30.37 -32.26 -11.82
C SER A 100 30.12 -30.93 -11.10
N ASN A 101 28.92 -30.36 -11.28
CA ASN A 101 28.60 -29.08 -10.65
C ASN A 101 27.95 -29.24 -9.28
N THR A 102 28.18 -28.26 -8.41
CA THR A 102 27.51 -28.23 -7.11
C THR A 102 26.60 -27.01 -6.99
N ILE A 103 25.31 -27.31 -6.93
CA ILE A 103 24.25 -26.33 -6.95
C ILE A 103 23.57 -26.30 -5.60
N VAL A 104 23.37 -25.10 -5.08
CA VAL A 104 22.75 -24.89 -3.78
C VAL A 104 21.45 -24.08 -3.91
N HIS A 105 20.41 -24.44 -3.16
CA HIS A 105 19.23 -23.59 -3.11
C HIS A 105 19.04 -23.12 -1.67
N ILE A 106 19.14 -21.82 -1.46
CA ILE A 106 18.98 -21.18 -0.15
C ILE A 106 17.58 -20.58 0.01
N ASP A 107 16.95 -20.90 1.12
CA ASP A 107 15.58 -20.49 1.41
C ASP A 107 15.48 -19.99 2.84
N MET A 108 15.20 -18.71 3.07
CA MET A 108 14.96 -18.21 4.43
C MET A 108 13.70 -18.84 4.99
N ASP A 109 13.74 -19.23 6.26
CA ASP A 109 12.61 -19.92 6.83
C ASP A 109 11.53 -18.95 7.29
N ALA A 110 10.34 -19.10 6.71
CA ALA A 110 9.17 -18.28 7.06
C ALA A 110 9.52 -16.79 7.05
N PHE A 111 10.33 -16.41 6.07
CA PHE A 111 11.00 -15.11 6.02
C PHE A 111 10.24 -13.90 6.60
N TYR A 112 9.16 -13.49 5.96
CA TYR A 112 8.47 -12.25 6.37
C TYR A 112 8.06 -12.34 7.84
N ALA A 113 7.47 -13.47 8.20
CA ALA A 113 6.99 -13.66 9.55
C ALA A 113 8.16 -13.76 10.53
N ALA A 114 9.31 -14.21 10.05
CA ALA A 114 10.46 -14.38 10.93
C ALA A 114 11.08 -13.02 11.23
N VAL A 115 10.96 -12.12 10.27
CA VAL A 115 11.45 -10.77 10.49
C VAL A 115 10.57 -10.11 11.54
N GLU A 116 9.28 -10.31 11.34
CA GLU A 116 8.30 -9.72 12.23
C GLU A 116 8.44 -10.27 13.64
N MET A 117 8.88 -11.51 13.75
CA MET A 117 9.10 -12.12 15.06
C MET A 117 10.41 -11.61 15.66
N ARG A 118 11.40 -11.35 14.80
CA ARG A 118 12.70 -10.87 15.27
C ARG A 118 12.57 -9.53 15.94
N ASP A 119 11.61 -8.75 15.47
CA ASP A 119 11.60 -7.37 15.91
C ASP A 119 10.48 -7.02 16.89
N ASN A 120 9.62 -8.01 17.17
CA ASN A 120 8.60 -7.86 18.20
C ASN A 120 8.52 -9.10 19.08
N PRO A 121 9.22 -9.08 20.22
CA PRO A 121 9.31 -10.17 21.20
C PRO A 121 7.94 -10.70 21.65
N GLU A 122 6.96 -9.80 21.69
CA GLU A 122 5.61 -10.17 22.11
C GLU A 122 5.01 -11.29 21.24
N LEU A 123 5.58 -11.48 20.07
CA LEU A 123 5.07 -12.45 19.11
C LEU A 123 5.79 -13.78 19.27
N LYS A 124 6.41 -13.97 20.42
CA LYS A 124 7.14 -15.19 20.70
C LYS A 124 6.17 -16.31 20.99
N ASP A 125 6.50 -17.51 20.52
CA ASP A 125 5.68 -18.70 20.74
C ASP A 125 4.21 -18.46 20.45
N LYS A 126 3.92 -17.71 19.40
CA LYS A 126 2.54 -17.40 19.05
C LYS A 126 2.30 -17.65 17.56
N PRO A 127 1.07 -18.02 17.18
CA PRO A 127 0.80 -18.18 15.76
C PRO A 127 0.59 -16.83 15.08
N ILE A 128 1.46 -16.49 14.11
CA ILE A 128 1.30 -15.23 13.40
C ILE A 128 1.28 -15.43 11.89
N ALA A 129 0.67 -14.48 11.20
CA ALA A 129 0.72 -14.40 9.75
C ALA A 129 0.94 -12.96 9.34
N VAL A 130 1.57 -12.77 8.19
CA VAL A 130 1.84 -11.44 7.67
C VAL A 130 0.88 -11.13 6.54
N GLY A 131 0.15 -10.03 6.67
CA GLY A 131 -0.78 -9.61 5.62
C GLY A 131 -2.01 -8.87 6.10
N SER A 132 -3.09 -8.99 5.36
CA SER A 132 -4.33 -8.32 5.73
C SER A 132 -5.41 -9.35 5.97
N MET A 133 -6.60 -8.86 6.28
CA MET A 133 -7.72 -9.73 6.49
C MET A 133 -8.20 -10.29 5.18
N SER A 134 -7.80 -9.66 4.09
CA SER A 134 -8.21 -10.11 2.77
C SER A 134 -7.25 -11.14 2.23
N MET A 135 -5.98 -11.01 2.59
CA MET A 135 -5.00 -11.90 2.01
C MET A 135 -3.76 -11.98 2.87
N LEU A 136 -3.28 -13.20 3.10
CA LEU A 136 -2.08 -13.37 3.90
C LEU A 136 -0.92 -13.77 3.03
N SER A 137 0.21 -13.13 3.28
CA SER A 137 1.42 -13.33 2.50
C SER A 137 2.14 -14.60 2.91
N THR A 138 2.23 -14.81 4.21
CA THR A 138 2.98 -15.93 4.77
C THR A 138 2.65 -16.14 6.26
N SER A 139 2.98 -17.29 6.79
CA SER A 139 2.72 -17.55 8.21
C SER A 139 3.92 -18.19 8.86
N ASN A 140 3.98 -18.17 10.19
CA ASN A 140 5.06 -18.88 10.87
C ASN A 140 4.62 -20.34 11.08
N TYR A 141 5.59 -21.20 11.40
CA TYR A 141 5.33 -22.63 11.53
C TYR A 141 4.21 -22.96 12.53
N HIS A 142 4.17 -22.16 13.58
CA HIS A 142 3.15 -22.26 14.60
C HIS A 142 1.76 -22.15 13.96
N ALA A 143 1.57 -21.13 13.15
CA ALA A 143 0.29 -20.95 12.48
C ALA A 143 0.07 -21.99 11.39
N ARG A 144 1.14 -22.44 10.78
CA ARG A 144 1.01 -23.43 9.74
C ARG A 144 0.45 -24.71 10.29
N ARG A 145 0.60 -24.90 11.58
CA ARG A 145 0.06 -26.10 12.22
C ARG A 145 -1.48 -26.06 12.34
N PHE A 146 -2.07 -24.91 12.04
CA PHE A 146 -3.52 -24.74 12.07
C PHE A 146 -4.09 -24.69 10.69
N GLY A 147 -3.24 -24.96 9.70
CA GLY A 147 -3.69 -24.95 8.33
C GLY A 147 -3.68 -23.60 7.66
N VAL A 148 -3.27 -22.56 8.38
CA VAL A 148 -3.17 -21.23 7.77
C VAL A 148 -1.84 -21.15 7.01
N ARG A 149 -1.91 -20.66 5.77
CA ARG A 149 -0.76 -20.63 4.88
C ARG A 149 -0.79 -19.47 3.89
N ALA A 150 0.29 -19.32 3.14
CA ALA A 150 0.43 -18.28 2.15
C ALA A 150 -0.73 -18.28 1.18
N ALA A 151 -1.12 -17.08 0.77
CA ALA A 151 -2.18 -16.83 -0.22
C ALA A 151 -3.60 -17.14 0.29
N MET A 152 -3.74 -17.29 1.60
CA MET A 152 -5.05 -17.54 2.19
C MET A 152 -5.57 -16.27 2.82
N PRO A 153 -6.81 -15.91 2.51
CA PRO A 153 -7.48 -14.73 3.07
C PRO A 153 -7.44 -14.77 4.58
N GLY A 154 -7.22 -13.61 5.21
CA GLY A 154 -7.08 -13.58 6.65
C GLY A 154 -8.34 -14.03 7.37
N PHE A 155 -9.51 -13.65 6.85
CA PHE A 155 -10.76 -13.92 7.54
C PHE A 155 -11.08 -15.42 7.61
N ILE A 156 -10.45 -16.21 6.74
CA ILE A 156 -10.57 -17.66 6.80
C ILE A 156 -9.55 -18.27 7.77
N ALA A 157 -8.32 -17.80 7.69
CA ALA A 157 -7.26 -18.26 8.58
C ALA A 157 -7.61 -17.99 10.03
N LYS A 158 -8.38 -16.93 10.26
CA LYS A 158 -8.85 -16.58 11.60
C LYS A 158 -9.81 -17.65 12.12
N ARG A 159 -10.68 -18.14 11.24
CA ARG A 159 -11.54 -19.25 11.61
C ARG A 159 -10.70 -20.50 11.88
N LEU A 160 -9.60 -20.65 11.15
CA LEU A 160 -8.74 -21.80 11.39
C LEU A 160 -7.95 -21.66 12.69
N CYS A 161 -7.89 -20.44 13.20
CA CYS A 161 -7.03 -20.13 14.34
C CYS A 161 -7.34 -18.73 14.87
N PRO A 162 -8.36 -18.59 15.73
CA PRO A 162 -8.79 -17.25 16.15
C PRO A 162 -7.76 -16.52 17.02
N GLN A 163 -6.75 -17.25 17.49
CA GLN A 163 -5.69 -16.63 18.30
C GLN A 163 -4.55 -16.18 17.41
N LEU A 164 -4.74 -16.31 16.10
CA LEU A 164 -3.76 -15.90 15.11
C LEU A 164 -3.53 -14.40 15.18
N ILE A 165 -2.27 -14.01 15.15
CA ILE A 165 -1.96 -12.60 15.08
C ILE A 165 -1.58 -12.18 13.66
N ILE A 166 -2.40 -11.32 13.07
CA ILE A 166 -2.09 -10.80 11.75
C ILE A 166 -1.37 -9.45 11.85
N VAL A 167 -0.08 -9.44 11.55
CA VAL A 167 0.69 -8.19 11.51
C VAL A 167 0.84 -7.74 10.04
N PRO A 168 0.68 -6.44 9.78
CA PRO A 168 0.78 -5.87 8.42
C PRO A 168 2.16 -6.02 7.79
N PRO A 169 2.22 -6.17 6.46
CA PRO A 169 3.53 -6.33 5.80
C PRO A 169 4.40 -5.09 5.94
N ASN A 170 5.71 -5.33 6.03
CA ASN A 170 6.70 -4.27 5.97
C ASN A 170 7.73 -4.64 4.91
N PHE A 171 7.31 -4.57 3.65
CA PHE A 171 8.11 -5.07 2.55
C PHE A 171 9.49 -4.43 2.44
N ASP A 172 9.63 -3.17 2.86
CA ASP A 172 10.91 -2.48 2.79
C ASP A 172 11.93 -3.11 3.72
N LYS A 173 11.46 -3.52 4.89
CA LYS A 173 12.29 -4.23 5.84
C LYS A 173 12.80 -5.52 5.21
N TYR A 174 11.88 -6.25 4.58
CA TYR A 174 12.21 -7.54 4.00
C TYR A 174 13.22 -7.36 2.92
N ARG A 175 13.05 -6.30 2.14
CA ARG A 175 13.97 -6.01 1.05
C ARG A 175 15.36 -5.71 1.61
N ALA A 176 15.40 -5.06 2.76
CA ALA A 176 16.66 -4.67 3.37
C ALA A 176 17.42 -5.88 3.93
N VAL A 177 16.72 -6.70 4.69
CA VAL A 177 17.28 -7.94 5.23
C VAL A 177 17.77 -8.81 4.07
N SER A 178 16.95 -8.84 3.04
CA SER A 178 17.28 -9.56 1.82
C SER A 178 18.57 -9.05 1.24
N LYS A 179 18.81 -7.76 1.36
CA LYS A 179 20.06 -7.19 0.87
C LYS A 179 21.22 -7.74 1.70
N GLU A 180 21.01 -7.83 3.01
CA GLU A 180 22.04 -8.41 3.88
C GLU A 180 22.42 -9.86 3.48
N VAL A 181 21.43 -10.70 3.18
CA VAL A 181 21.78 -12.07 2.84
C VAL A 181 22.33 -12.17 1.41
N LYS A 182 21.86 -11.32 0.50
CA LYS A 182 22.44 -11.33 -0.84
C LYS A 182 23.93 -10.96 -0.80
N GLU A 183 24.29 -10.04 0.08
CA GLU A 183 25.70 -9.66 0.20
C GLU A 183 26.57 -10.82 0.60
N ILE A 184 26.03 -11.69 1.44
CA ILE A 184 26.72 -12.89 1.84
C ILE A 184 26.78 -13.93 0.72
N LEU A 185 25.65 -14.20 0.07
CA LEU A 185 25.64 -15.18 -1.03
C LEU A 185 26.59 -14.81 -2.15
N ALA A 186 26.85 -13.51 -2.31
CA ALA A 186 27.73 -13.06 -3.39
C ALA A 186 29.19 -13.51 -3.19
N ASP A 187 29.54 -13.88 -1.96
CA ASP A 187 30.90 -14.36 -1.71
C ASP A 187 31.14 -15.76 -2.29
N TYR A 188 30.08 -16.50 -2.60
CA TYR A 188 30.24 -17.90 -2.99
C TYR A 188 29.92 -18.11 -4.44
N ASP A 189 29.03 -17.26 -4.94
CA ASP A 189 28.76 -17.17 -6.37
C ASP A 189 28.24 -15.77 -6.68
N PRO A 190 29.11 -14.93 -7.22
CA PRO A 190 28.76 -13.55 -7.62
C PRO A 190 27.64 -13.54 -8.67
N ASN A 191 27.48 -14.65 -9.38
CA ASN A 191 26.38 -14.75 -10.35
C ASN A 191 25.23 -15.62 -9.83
N PHE A 192 25.01 -15.60 -8.53
CA PHE A 192 23.91 -16.37 -7.96
C PHE A 192 22.61 -15.84 -8.54
N MET A 193 21.56 -16.64 -8.47
CA MET A 193 20.30 -16.29 -9.08
C MET A 193 19.21 -16.18 -8.05
N ALA A 194 18.84 -14.95 -7.70
CA ALA A 194 17.78 -14.71 -6.73
C ALA A 194 16.40 -14.96 -7.32
N MET A 195 15.64 -15.84 -6.69
CA MET A 195 14.32 -16.23 -7.16
C MET A 195 13.22 -15.42 -6.51
N SER A 196 13.52 -14.92 -5.31
CA SER A 196 12.67 -13.95 -4.61
C SER A 196 13.56 -13.28 -3.57
N LEU A 197 12.94 -12.65 -2.58
CA LEU A 197 13.72 -11.95 -1.58
C LEU A 197 14.43 -12.94 -0.67
N ASP A 198 13.80 -14.10 -0.46
CA ASP A 198 14.35 -15.06 0.47
C ASP A 198 14.82 -16.35 -0.18
N GLU A 199 14.78 -16.42 -1.49
CA GLU A 199 15.13 -17.65 -2.20
C GLU A 199 16.16 -17.42 -3.27
N ALA A 200 17.23 -18.21 -3.29
CA ALA A 200 18.23 -18.07 -4.34
C ALA A 200 18.90 -19.38 -4.73
N TYR A 201 19.44 -19.40 -5.95
CA TYR A 201 20.27 -20.50 -6.44
C TYR A 201 21.72 -20.05 -6.51
N LEU A 202 22.62 -20.95 -6.09
CA LEU A 202 24.04 -20.72 -6.13
C LEU A 202 24.76 -21.80 -6.90
N ASN A 203 25.72 -21.39 -7.71
CA ASN A 203 26.66 -22.36 -8.26
C ASN A 203 27.99 -22.23 -7.54
N ILE A 204 28.22 -23.09 -6.56
CA ILE A 204 29.41 -22.94 -5.73
C ILE A 204 30.56 -23.80 -6.18
N THR A 205 30.42 -24.41 -7.36
CA THR A 205 31.50 -25.24 -7.93
C THR A 205 32.86 -24.54 -7.87
N LYS A 206 32.93 -23.36 -8.47
CA LYS A 206 34.18 -22.62 -8.55
C LYS A 206 34.70 -22.29 -7.15
N HIS A 207 33.80 -21.85 -6.27
CA HIS A 207 34.18 -21.53 -4.90
C HIS A 207 34.75 -22.74 -4.19
N LEU A 208 34.15 -23.91 -4.42
CA LEU A 208 34.65 -25.12 -3.79
C LEU A 208 36.09 -25.34 -4.26
N GLU A 209 36.28 -25.17 -5.57
CA GLU A 209 37.61 -25.37 -6.13
C GLU A 209 38.65 -24.45 -5.45
N GLU A 210 38.33 -23.17 -5.29
CA GLU A 210 39.29 -22.29 -4.64
C GLU A 210 39.46 -22.62 -3.16
N ARG A 211 38.37 -23.03 -2.54
CA ARG A 211 38.32 -23.23 -1.08
C ARG A 211 39.10 -24.45 -0.64
N GLN A 212 39.34 -25.37 -1.57
CA GLN A 212 40.01 -26.61 -1.19
C GLN A 212 41.45 -26.40 -0.71
N ASN A 213 42.06 -25.29 -1.11
CA ASN A 213 43.38 -24.95 -0.57
C ASN A 213 43.39 -23.61 0.16
N TRP A 214 42.36 -23.37 0.95
CA TRP A 214 42.27 -22.14 1.73
C TRP A 214 42.81 -22.39 3.12
N PRO A 215 43.58 -21.44 3.65
CA PRO A 215 44.03 -21.53 5.04
C PRO A 215 42.86 -21.37 5.97
N GLU A 216 43.03 -21.78 7.22
CA GLU A 216 41.97 -21.73 8.20
C GLU A 216 41.49 -20.31 8.43
N ASP A 217 42.27 -19.34 7.96
CA ASP A 217 42.00 -17.95 8.25
C ASP A 217 40.87 -17.40 7.38
N LYS A 218 40.86 -17.80 6.12
CA LYS A 218 39.86 -17.31 5.18
C LYS A 218 38.48 -17.87 5.50
N ARG A 219 38.44 -18.96 6.26
CA ARG A 219 37.16 -19.58 6.60
C ARG A 219 36.95 -19.73 8.10
N ARG A 220 37.33 -18.66 8.82
CA ARG A 220 37.07 -18.49 10.25
C ARG A 220 36.15 -17.28 10.49
N TYR A 221 35.13 -17.46 11.33
CA TYR A 221 34.17 -16.39 11.62
C TYR A 221 33.84 -16.29 13.11
N PHE A 222 33.44 -15.10 13.52
CA PHE A 222 33.19 -14.80 14.93
C PHE A 222 31.72 -14.98 15.29
N ILE A 223 31.46 -15.41 16.53
CA ILE A 223 30.09 -15.58 17.01
C ILE A 223 29.55 -14.31 17.66
N LYS A 224 28.35 -13.90 17.26
CA LYS A 224 27.74 -12.66 17.77
C LYS A 224 26.82 -12.95 18.95
N ASN A 282 36.07 -17.07 20.98
CA ASN A 282 34.94 -16.44 20.30
C ASN A 282 34.97 -16.59 18.78
N SER A 283 35.39 -17.74 18.28
CA SER A 283 35.43 -18.00 16.84
C SER A 283 35.12 -19.45 16.46
N VAL A 284 34.91 -19.65 15.16
CA VAL A 284 34.56 -20.97 14.67
C VAL A 284 35.07 -21.11 13.23
N VAL A 285 35.47 -22.31 12.84
CA VAL A 285 35.96 -22.54 11.49
C VAL A 285 35.15 -23.56 10.71
N PHE A 286 35.04 -23.35 9.41
CA PHE A 286 34.28 -24.27 8.59
C PHE A 286 35.20 -24.98 7.66
N GLY A 287 34.88 -26.25 7.41
CA GLY A 287 35.70 -27.10 6.58
C GLY A 287 35.69 -26.77 5.10
N THR A 288 36.05 -27.76 4.31
CA THR A 288 36.34 -27.58 2.91
C THR A 288 35.27 -28.19 2.00
N SER A 289 34.35 -28.95 2.58
CA SER A 289 33.33 -29.64 1.81
C SER A 289 32.14 -28.75 1.42
N ALA A 290 31.25 -29.28 0.57
CA ALA A 290 30.05 -28.56 0.16
C ALA A 290 29.14 -28.34 1.37
N GLN A 291 28.93 -29.40 2.15
CA GLN A 291 28.11 -29.28 3.35
C GLN A 291 28.68 -28.21 4.25
N GLU A 292 30.00 -28.16 4.33
CA GLU A 292 30.64 -27.20 5.21
C GLU A 292 30.46 -25.77 4.67
N VAL A 293 30.62 -25.61 3.36
CA VAL A 293 30.37 -24.29 2.74
C VAL A 293 28.97 -23.79 3.06
N VAL A 294 27.98 -24.69 2.97
CA VAL A 294 26.62 -24.25 3.23
C VAL A 294 26.37 -24.03 4.74
N LYS A 295 27.07 -24.76 5.59
CA LYS A 295 26.94 -24.52 7.03
C LYS A 295 27.54 -23.16 7.38
N GLU A 296 28.59 -22.78 6.67
CA GLU A 296 29.20 -21.46 6.83
C GLU A 296 28.24 -20.36 6.37
N ILE A 297 27.61 -20.58 5.21
CA ILE A 297 26.65 -19.61 4.67
C ILE A 297 25.48 -19.39 5.62
N ARG A 298 24.90 -20.50 6.07
CA ARG A 298 23.77 -20.42 6.99
C ARG A 298 24.18 -19.77 8.31
N PHE A 299 25.43 -20.02 8.72
CA PHE A 299 25.93 -19.47 9.97
C PHE A 299 26.03 -17.95 9.83
N ARG A 300 26.72 -17.49 8.79
CA ARG A 300 26.91 -16.07 8.59
C ARG A 300 25.57 -15.35 8.51
N ILE A 301 24.63 -15.95 7.77
CA ILE A 301 23.28 -15.39 7.64
C ILE A 301 22.61 -15.24 9.01
N GLU A 302 22.67 -16.30 9.84
CA GLU A 302 22.06 -16.22 11.16
C GLU A 302 22.76 -15.19 12.04
N GLN A 303 24.06 -14.98 11.83
CA GLN A 303 24.78 -14.00 12.64
C GLN A 303 24.35 -12.59 12.24
N LYS A 304 24.25 -12.35 10.94
CA LYS A 304 24.00 -11.02 10.42
C LYS A 304 22.56 -10.58 10.57
N THR A 305 21.63 -11.52 10.55
CA THR A 305 20.22 -11.14 10.50
C THR A 305 19.41 -11.68 11.67
N THR A 306 19.98 -12.60 12.43
CA THR A 306 19.26 -13.32 13.47
C THR A 306 18.17 -14.21 12.90
N LEU A 307 18.27 -14.54 11.61
CA LEU A 307 17.30 -15.40 10.96
C LEU A 307 17.91 -16.66 10.36
N THR A 308 17.13 -17.74 10.34
CA THR A 308 17.63 -19.03 9.89
C THR A 308 17.26 -19.32 8.44
N ALA A 309 18.17 -19.99 7.73
CA ALA A 309 17.92 -20.39 6.36
C ALA A 309 18.03 -21.90 6.26
N SER A 310 17.29 -22.49 5.34
CA SER A 310 17.44 -23.90 5.00
C SER A 310 18.07 -23.97 3.62
N ALA A 311 18.71 -25.09 3.30
CA ALA A 311 19.37 -25.20 2.01
C ALA A 311 19.34 -26.59 1.45
N GLY A 312 19.57 -26.67 0.14
CA GLY A 312 19.61 -27.96 -0.54
C GLY A 312 20.84 -28.00 -1.43
N ILE A 313 21.48 -29.16 -1.47
CA ILE A 313 22.72 -29.34 -2.23
C ILE A 313 22.66 -30.52 -3.18
N ALA A 314 23.00 -30.28 -4.45
CA ALA A 314 22.81 -31.30 -5.47
C ALA A 314 23.52 -30.94 -6.77
N PRO A 315 23.64 -31.91 -7.69
CA PRO A 315 24.31 -31.57 -8.96
C PRO A 315 23.50 -30.70 -9.93
N ASN A 316 22.19 -30.55 -9.76
CA ASN A 316 21.46 -29.63 -10.63
C ASN A 316 20.40 -28.82 -9.87
N THR A 317 19.86 -27.78 -10.50
CA THR A 317 18.90 -26.89 -9.83
C THR A 317 17.59 -27.58 -9.41
N MET A 318 17.14 -28.52 -10.22
CA MET A 318 15.92 -29.25 -9.94
C MET A 318 16.03 -30.03 -8.62
N LEU A 319 17.10 -30.82 -8.50
CA LEU A 319 17.34 -31.61 -7.29
C LEU A 319 17.66 -30.72 -6.07
N ALA A 320 18.43 -29.65 -6.30
CA ALA A 320 18.81 -28.79 -5.18
C ALA A 320 17.56 -28.16 -4.64
N LYS A 321 16.66 -27.80 -5.54
CA LYS A 321 15.42 -27.16 -5.11
C LYS A 321 14.58 -28.13 -4.32
N VAL A 322 14.46 -29.37 -4.80
CA VAL A 322 13.65 -30.34 -4.06
C VAL A 322 14.20 -30.70 -2.66
N CYS A 323 15.49 -30.94 -2.54
CA CYS A 323 16.00 -31.35 -1.24
C CYS A 323 16.29 -30.13 -0.35
N SER A 324 16.14 -28.93 -0.90
CA SER A 324 16.12 -27.72 -0.07
C SER A 324 15.02 -27.79 0.98
N ASP A 325 13.91 -28.44 0.62
CA ASP A 325 12.76 -28.59 1.50
C ASP A 325 12.91 -29.68 2.57
N LYS A 326 13.85 -30.58 2.33
CA LYS A 326 13.96 -31.82 3.10
C LYS A 326 14.11 -31.60 4.60
N ASN A 327 15.01 -30.71 5.00
CA ASN A 327 15.25 -30.48 6.42
C ASN A 327 14.87 -29.07 6.87
N LYS A 328 13.85 -28.50 6.25
CA LYS A 328 13.37 -27.20 6.62
C LYS A 328 12.63 -27.33 7.92
N PRO A 329 12.71 -26.38 8.82
CA PRO A 329 13.47 -25.13 8.80
C PRO A 329 14.85 -25.28 9.41
N ASN A 330 15.76 -24.38 9.10
CA ASN A 330 17.11 -24.35 9.66
C ASN A 330 17.89 -25.63 9.44
N GLY A 331 17.68 -26.25 8.29
CA GLY A 331 18.36 -27.47 7.95
C GLY A 331 18.99 -27.50 6.58
N GLN A 332 19.84 -28.48 6.35
CA GLN A 332 20.43 -28.73 5.06
C GLN A 332 20.23 -30.17 4.63
N TYR A 333 20.29 -30.39 3.33
CA TYR A 333 20.35 -31.73 2.81
C TYR A 333 21.19 -31.75 1.56
N GLN A 334 22.01 -32.78 1.45
CA GLN A 334 22.75 -32.97 0.21
C GLN A 334 22.43 -34.28 -0.47
N ILE A 335 22.28 -34.21 -1.78
CA ILE A 335 22.31 -35.36 -2.64
C ILE A 335 23.71 -35.47 -3.23
N LEU A 336 24.43 -36.52 -2.85
CA LEU A 336 25.82 -36.68 -3.31
C LEU A 336 25.88 -36.87 -4.83
N PRO A 337 26.92 -36.32 -5.47
CA PRO A 337 26.94 -36.26 -6.94
C PRO A 337 27.26 -37.60 -7.61
N ASN A 338 26.66 -38.69 -7.14
CA ASN A 338 26.71 -39.96 -7.88
C ASN A 338 25.33 -40.38 -8.37
N ARG A 339 25.29 -40.94 -9.59
CA ARG A 339 24.04 -41.31 -10.24
C ARG A 339 23.11 -42.14 -9.35
N GLN A 340 23.71 -42.98 -8.51
CA GLN A 340 22.89 -43.85 -7.69
C GLN A 340 22.20 -43.06 -6.59
N ALA A 341 22.86 -42.04 -6.06
CA ALA A 341 22.25 -41.20 -5.05
C ALA A 341 21.06 -40.44 -5.63
N VAL A 342 21.28 -39.88 -6.81
CA VAL A 342 20.24 -39.14 -7.51
C VAL A 342 19.03 -40.04 -7.67
N MET A 343 19.27 -41.22 -8.24
CA MET A 343 18.20 -42.18 -8.47
C MET A 343 17.47 -42.62 -7.21
N ASP A 344 18.23 -42.81 -6.14
CA ASP A 344 17.65 -43.26 -4.88
C ASP A 344 16.76 -42.21 -4.27
N PHE A 345 17.19 -40.96 -4.38
CA PHE A 345 16.42 -39.84 -3.88
C PHE A 345 15.15 -39.62 -4.71
N ILE A 346 15.27 -39.89 -5.99
CA ILE A 346 14.16 -39.64 -6.90
C ILE A 346 13.03 -40.66 -6.71
N LYS A 347 13.42 -41.90 -6.40
CA LYS A 347 12.57 -43.08 -6.43
C LYS A 347 11.13 -42.92 -5.97
N ASP A 348 10.90 -42.29 -4.82
CA ASP A 348 9.54 -42.15 -4.32
C ASP A 348 9.14 -40.70 -4.15
N LEU A 349 9.90 -39.81 -4.80
CA LEU A 349 9.63 -38.39 -4.75
C LEU A 349 8.34 -38.04 -5.48
N PRO A 350 7.37 -37.48 -4.76
CA PRO A 350 6.11 -37.09 -5.42
C PRO A 350 6.40 -36.02 -6.47
N ILE A 351 5.87 -36.17 -7.69
CA ILE A 351 6.26 -35.26 -8.77
C ILE A 351 5.79 -33.84 -8.47
N ARG A 352 4.82 -33.73 -7.57
CA ARG A 352 4.28 -32.44 -7.17
C ARG A 352 5.34 -31.56 -6.49
N LYS A 353 6.37 -32.18 -5.92
CA LYS A 353 7.44 -31.41 -5.26
C LYS A 353 8.29 -30.69 -6.27
N VAL A 354 8.29 -31.18 -7.52
CA VAL A 354 9.15 -30.64 -8.54
C VAL A 354 8.62 -29.30 -9.06
N SER A 355 9.55 -28.39 -9.32
CA SER A 355 9.22 -27.05 -9.79
C SER A 355 8.67 -27.13 -11.22
N GLY A 356 7.42 -26.72 -11.41
CA GLY A 356 6.78 -26.84 -12.71
C GLY A 356 5.57 -27.75 -12.69
N ILE A 357 5.53 -28.66 -11.73
CA ILE A 357 4.35 -29.49 -11.55
C ILE A 357 3.42 -28.82 -10.54
N GLY A 358 2.37 -28.18 -11.05
CA GLY A 358 1.42 -27.50 -10.18
C GLY A 358 0.26 -28.42 -9.88
N LYS A 359 -0.80 -27.85 -9.35
CA LYS A 359 -1.96 -28.62 -8.90
C LYS A 359 -2.64 -29.37 -10.05
N VAL A 360 -2.82 -28.67 -11.17
CA VAL A 360 -3.52 -29.21 -12.32
C VAL A 360 -2.74 -30.36 -12.97
N THR A 361 -1.46 -30.13 -13.26
CA THR A 361 -0.64 -31.20 -13.82
C THR A 361 -0.61 -32.39 -12.88
N GLU A 362 -0.57 -32.11 -11.58
CA GLU A 362 -0.57 -33.17 -10.58
C GLU A 362 -1.85 -33.99 -10.69
N LYS A 363 -2.98 -33.32 -10.79
CA LYS A 363 -4.25 -34.04 -10.89
C LYS A 363 -4.29 -34.89 -12.17
N MET A 364 -3.88 -34.31 -13.28
CA MET A 364 -3.93 -35.01 -14.55
C MET A 364 -3.00 -36.23 -14.55
N LEU A 365 -1.81 -36.08 -14.01
CA LEU A 365 -0.87 -37.18 -13.99
C LEU A 365 -1.37 -38.26 -13.04
N LYS A 366 -2.02 -37.83 -11.97
CA LYS A 366 -2.59 -38.74 -11.00
C LYS A 366 -3.68 -39.57 -11.66
N ALA A 367 -4.38 -38.95 -12.61
CA ALA A 367 -5.41 -39.66 -13.36
C ALA A 367 -4.84 -40.86 -14.13
N LEU A 368 -3.54 -40.82 -14.44
CA LEU A 368 -2.88 -41.91 -15.16
C LEU A 368 -2.14 -42.82 -14.21
N GLY A 369 -2.37 -42.62 -12.91
CA GLY A 369 -1.69 -43.41 -11.88
C GLY A 369 -0.27 -42.97 -11.58
N ILE A 370 0.09 -41.77 -12.03
CA ILE A 370 1.45 -41.27 -11.85
C ILE A 370 1.52 -40.30 -10.67
N ILE A 371 2.29 -40.68 -9.65
CA ILE A 371 2.42 -39.84 -8.47
C ILE A 371 3.88 -39.63 -8.10
N THR A 372 4.68 -40.69 -8.19
CA THR A 372 6.10 -40.57 -7.91
C THR A 372 6.88 -40.48 -9.20
N CYS A 373 8.16 -40.16 -9.09
CA CYS A 373 8.95 -39.94 -10.28
C CYS A 373 9.26 -41.24 -11.02
N THR A 374 9.21 -42.37 -10.31
CA THR A 374 9.49 -43.63 -10.98
C THR A 374 8.27 -44.07 -11.81
N GLU A 375 7.06 -43.80 -11.31
CA GLU A 375 5.87 -44.04 -12.11
C GLU A 375 5.87 -43.11 -13.31
N LEU A 376 6.48 -41.94 -13.15
CA LEU A 376 6.63 -41.02 -14.27
C LEU A 376 7.56 -41.60 -15.31
N TYR A 377 8.54 -42.38 -14.86
CA TYR A 377 9.47 -42.97 -15.79
C TYR A 377 8.85 -44.17 -16.50
N GLN A 378 8.06 -44.92 -15.75
CA GLN A 378 7.46 -46.12 -16.27
C GLN A 378 6.37 -45.85 -17.30
N GLN A 379 5.83 -44.65 -17.28
CA GLN A 379 4.74 -44.33 -18.18
C GLN A 379 5.23 -43.41 -19.29
N ARG A 380 6.55 -43.34 -19.47
CA ARG A 380 7.09 -42.35 -20.42
C ARG A 380 6.53 -42.43 -21.85
N ALA A 381 6.31 -43.63 -22.38
CA ALA A 381 5.83 -43.78 -23.76
C ALA A 381 4.40 -43.24 -23.88
N LEU A 382 3.54 -43.69 -22.96
CA LEU A 382 2.16 -43.21 -22.94
C LEU A 382 2.12 -41.70 -22.84
N LEU A 383 3.01 -41.12 -22.03
CA LEU A 383 3.12 -39.67 -21.87
C LEU A 383 3.58 -39.00 -23.14
N SER A 384 4.47 -39.67 -23.87
CA SER A 384 4.95 -39.11 -25.12
C SER A 384 3.85 -39.18 -26.17
N LEU A 385 2.74 -39.81 -25.80
CA LEU A 385 1.59 -39.86 -26.71
C LEU A 385 0.40 -39.02 -26.19
N LEU A 386 0.35 -38.76 -24.90
CA LEU A 386 -0.73 -37.96 -24.31
C LEU A 386 -0.38 -36.48 -24.20
N PHE A 387 0.91 -36.19 -24.20
CA PHE A 387 1.38 -34.83 -23.98
C PHE A 387 2.27 -34.31 -25.10
N SER A 388 2.45 -33.00 -25.14
CA SER A 388 3.28 -32.37 -26.16
C SER A 388 4.77 -32.63 -25.92
N GLU A 389 5.55 -32.43 -26.97
CA GLU A 389 6.98 -32.68 -26.92
C GLU A 389 7.66 -32.01 -25.73
N THR A 390 7.50 -30.70 -25.60
CA THR A 390 8.15 -30.00 -24.50
C THR A 390 7.77 -30.62 -23.15
N SER A 391 6.48 -30.91 -22.97
CA SER A 391 5.99 -31.47 -21.73
C SER A 391 6.58 -32.84 -21.38
N TRP A 392 6.63 -33.78 -22.33
CA TRP A 392 7.14 -35.08 -21.96
C TRP A 392 8.67 -35.13 -21.96
N HIS A 393 9.29 -34.18 -22.65
CA HIS A 393 10.74 -34.05 -22.54
C HIS A 393 11.06 -33.62 -21.13
N TYR A 394 10.22 -32.72 -20.63
CA TYR A 394 10.39 -32.18 -19.30
C TYR A 394 10.14 -33.28 -18.27
N PHE A 395 9.05 -34.05 -18.46
CA PHE A 395 8.73 -35.14 -17.56
C PHE A 395 9.86 -36.15 -17.54
N LEU A 396 10.51 -36.33 -18.67
CA LEU A 396 11.57 -37.32 -18.76
C LEU A 396 12.79 -36.81 -18.00
N HIS A 397 13.04 -35.51 -18.12
CA HIS A 397 14.12 -34.92 -17.35
C HIS A 397 13.86 -35.12 -15.87
N ILE A 398 12.60 -34.96 -15.46
CA ILE A 398 12.28 -35.15 -14.04
C ILE A 398 12.55 -36.62 -13.65
N SER A 399 11.95 -37.55 -14.38
CA SER A 399 12.04 -38.97 -14.08
C SER A 399 13.47 -39.49 -14.02
N LEU A 400 14.38 -38.81 -14.72
CA LEU A 400 15.79 -39.21 -14.71
C LEU A 400 16.65 -38.39 -13.73
N GLY A 401 16.02 -37.55 -12.94
CA GLY A 401 16.75 -36.72 -12.00
C GLY A 401 17.70 -35.70 -12.63
N LEU A 402 17.43 -35.34 -13.88
CA LEU A 402 18.19 -34.28 -14.54
C LEU A 402 17.58 -32.89 -14.34
N GLY A 403 18.39 -31.87 -14.59
CA GLY A 403 17.95 -30.49 -14.46
C GLY A 403 19.05 -29.53 -14.84
N SER A 404 18.74 -28.25 -14.86
CA SER A 404 19.74 -27.23 -15.17
C SER A 404 20.95 -27.33 -14.25
N THR A 405 22.15 -27.30 -14.84
CA THR A 405 23.38 -27.33 -14.05
C THR A 405 24.14 -26.02 -14.10
N HIS A 406 23.63 -25.05 -14.84
CA HIS A 406 24.23 -23.72 -14.83
C HIS A 406 23.17 -22.64 -14.68
N LEU A 407 23.49 -21.62 -13.91
CA LEU A 407 22.58 -20.52 -13.70
C LEU A 407 22.74 -19.46 -14.79
N THR A 408 21.69 -19.23 -15.56
CA THR A 408 21.75 -18.21 -16.60
C THR A 408 21.65 -16.81 -15.99
N ARG A 409 22.65 -15.98 -16.26
CA ARG A 409 22.65 -14.61 -15.77
C ARG A 409 21.38 -13.93 -16.27
N ASP A 410 20.66 -13.29 -15.35
CA ASP A 410 19.32 -12.75 -15.62
C ASP A 410 19.20 -11.96 -16.92
N GLY A 411 18.48 -12.52 -17.88
CA GLY A 411 18.19 -11.87 -19.14
C GLY A 411 17.29 -10.69 -18.94
N GLU A 412 16.88 -10.03 -20.02
CA GLU A 412 16.01 -8.87 -19.90
C GLU A 412 14.57 -9.27 -19.63
N ARG A 413 13.84 -8.39 -18.94
CA ARG A 413 12.45 -8.66 -18.65
C ARG A 413 11.68 -8.66 -19.97
N LYS A 414 10.61 -9.44 -20.03
CA LYS A 414 9.86 -9.56 -21.26
C LYS A 414 8.57 -8.77 -21.15
N SER A 415 8.26 -8.32 -19.94
CA SER A 415 7.06 -7.52 -19.73
C SER A 415 7.13 -6.80 -18.41
N MET A 416 6.24 -5.84 -18.27
CA MET A 416 6.13 -5.04 -17.06
C MET A 416 4.67 -4.68 -16.91
N SER A 417 4.13 -4.90 -15.72
CA SER A 417 2.69 -4.71 -15.56
C SER A 417 2.33 -4.11 -14.23
N VAL A 418 1.11 -3.61 -14.14
CA VAL A 418 0.60 -3.16 -12.86
C VAL A 418 -0.89 -3.43 -12.84
N GLU A 419 -1.37 -4.02 -11.75
CA GLU A 419 -2.78 -4.36 -11.63
C GLU A 419 -3.25 -4.20 -10.20
N ARG A 420 -4.58 -4.17 -10.03
CA ARG A 420 -5.15 -3.81 -8.74
C ARG A 420 -6.60 -4.26 -8.54
N THR A 421 -6.82 -4.85 -7.37
CA THR A 421 -8.14 -5.27 -6.92
C THR A 421 -8.77 -4.16 -6.08
N PHE A 422 -10.08 -3.99 -6.19
CA PHE A 422 -10.79 -2.95 -5.46
C PHE A 422 -12.21 -3.40 -5.20
N SER A 423 -12.94 -2.65 -4.38
CA SER A 423 -14.37 -2.88 -4.25
C SER A 423 -15.00 -2.61 -5.62
N GLU A 424 -16.18 -3.18 -5.87
CA GLU A 424 -16.73 -3.19 -7.23
C GLU A 424 -16.80 -1.83 -7.90
N ILE A 425 -16.29 -1.73 -9.13
CA ILE A 425 -16.46 -0.54 -9.93
C ILE A 425 -17.27 -0.86 -11.20
N ASN A 426 -18.45 -0.27 -11.35
CA ASN A 426 -19.29 -0.53 -12.54
C ASN A 426 -19.59 0.68 -13.43
N LYS A 427 -19.44 1.87 -12.89
CA LYS A 427 -19.60 3.06 -13.73
C LYS A 427 -18.42 3.16 -14.70
N ALA A 428 -18.72 3.37 -15.97
CA ALA A 428 -17.68 3.41 -17.00
C ALA A 428 -16.66 4.55 -16.82
N GLU A 429 -17.11 5.73 -16.40
CA GLU A 429 -16.17 6.86 -16.29
C GLU A 429 -15.11 6.60 -15.23
N GLU A 430 -15.53 5.89 -14.18
CA GLU A 430 -14.63 5.50 -13.11
C GLU A 430 -13.64 4.46 -13.63
N GLN A 431 -14.13 3.57 -14.47
CA GLN A 431 -13.29 2.54 -15.04
C GLN A 431 -12.23 3.15 -15.95
N TYR A 432 -12.63 4.15 -16.73
CA TYR A 432 -11.67 4.89 -17.53
C TYR A 432 -10.65 5.62 -16.63
N SER A 433 -11.11 6.10 -15.48
CA SER A 433 -10.17 6.75 -14.58
C SER A 433 -9.12 5.77 -14.05
N LEU A 434 -9.58 4.59 -13.64
CA LEU A 434 -8.65 3.60 -13.10
C LEU A 434 -7.68 3.15 -14.16
N CYS A 435 -8.18 3.01 -15.38
CA CYS A 435 -7.31 2.61 -16.47
C CYS A 435 -6.21 3.65 -16.68
N GLN A 436 -6.61 4.93 -16.69
CA GLN A 436 -5.62 5.99 -16.92
C GLN A 436 -4.58 6.02 -15.81
N GLU A 437 -5.04 5.76 -14.59
CA GLU A 437 -4.16 5.72 -13.43
C GLU A 437 -3.13 4.59 -13.54
N LEU A 438 -3.61 3.38 -13.82
CA LEU A 438 -2.72 2.24 -14.00
C LEU A 438 -1.69 2.55 -15.07
N CYS A 439 -2.13 3.15 -16.18
CA CYS A 439 -1.21 3.53 -17.24
C CYS A 439 -0.14 4.51 -16.81
N SER A 440 -0.51 5.50 -15.99
CA SER A 440 0.49 6.43 -15.47
C SER A 440 1.51 5.72 -14.60
N GLU A 441 1.03 4.91 -13.68
CA GLU A 441 1.91 4.12 -12.79
C GLU A 441 2.89 3.31 -13.64
N LEU A 442 2.35 2.65 -14.67
CA LEU A 442 3.15 1.78 -15.52
C LEU A 442 4.20 2.61 -16.24
N ALA A 443 3.80 3.76 -16.75
CA ALA A 443 4.72 4.66 -17.44
C ALA A 443 5.86 5.10 -16.52
N GLN A 444 5.57 5.36 -15.24
CA GLN A 444 6.63 5.73 -14.31
C GLN A 444 7.60 4.56 -14.11
N ASP A 445 7.05 3.35 -14.03
CA ASP A 445 7.89 2.17 -13.85
C ASP A 445 8.77 1.94 -15.07
N LEU A 446 8.20 2.16 -16.26
CA LEU A 446 8.96 2.05 -17.48
C LEU A 446 10.05 3.10 -17.48
N GLN A 447 9.75 4.27 -16.92
CA GLN A 447 10.69 5.37 -16.91
C GLN A 447 11.91 5.02 -16.09
N LYS A 448 11.71 4.34 -14.94
CA LYS A 448 12.84 3.97 -14.10
C LYS A 448 13.85 3.03 -14.79
N GLU A 449 13.37 2.21 -15.71
CA GLU A 449 14.25 1.28 -16.43
C GLU A 449 14.48 1.75 -17.86
N ARG A 450 13.91 2.90 -18.19
CA ARG A 450 14.02 3.50 -19.51
C ARG A 450 13.63 2.50 -20.60
N LEU A 451 12.43 1.94 -20.47
CA LEU A 451 11.97 0.98 -21.45
C LEU A 451 10.73 1.44 -22.21
N LYS A 452 10.59 0.94 -23.43
CA LYS A 452 9.44 1.19 -24.27
C LYS A 452 9.09 -0.11 -24.98
N GLY A 453 7.79 -0.39 -25.13
CA GLY A 453 7.34 -1.63 -25.74
C GLY A 453 6.30 -1.39 -26.82
N ARG A 454 5.86 -2.46 -27.47
CA ARG A 454 4.94 -2.35 -28.59
C ARG A 454 3.58 -3.01 -28.33
N THR A 455 3.47 -3.68 -27.20
CA THR A 455 2.23 -4.39 -26.90
C THR A 455 1.62 -3.91 -25.61
N VAL A 456 0.35 -3.55 -25.67
CA VAL A 456 -0.34 -3.13 -24.48
C VAL A 456 -1.51 -4.07 -24.22
N THR A 457 -1.52 -4.69 -23.05
CA THR A 457 -2.57 -5.63 -22.70
C THR A 457 -3.28 -5.17 -21.44
N ILE A 458 -4.60 -5.24 -21.44
CA ILE A 458 -5.37 -4.94 -20.25
C ILE A 458 -5.96 -6.22 -19.70
N LYS A 459 -6.20 -6.21 -18.40
CA LYS A 459 -6.73 -7.37 -17.71
C LYS A 459 -7.95 -6.94 -16.93
N LEU A 460 -9.04 -7.67 -17.09
CA LEU A 460 -10.27 -7.36 -16.40
C LEU A 460 -10.70 -8.58 -15.62
N LYS A 461 -11.08 -8.38 -14.39
CA LYS A 461 -11.64 -9.47 -13.63
C LYS A 461 -12.97 -8.98 -13.12
N ASN A 462 -14.05 -9.64 -13.50
CA ASN A 462 -15.35 -9.21 -13.01
C ASN A 462 -15.62 -9.72 -11.59
N VAL A 463 -16.79 -9.42 -11.06
CA VAL A 463 -17.08 -9.71 -9.67
C VAL A 463 -17.28 -11.19 -9.43
N ASN A 464 -17.28 -11.96 -10.51
CA ASN A 464 -17.34 -13.40 -10.43
C ASN A 464 -15.99 -14.08 -10.64
N PHE A 465 -14.94 -13.27 -10.56
CA PHE A 465 -13.55 -13.72 -10.67
C PHE A 465 -13.19 -14.28 -12.05
N GLU A 466 -14.03 -14.00 -13.04
CA GLU A 466 -13.70 -14.36 -14.41
C GLU A 466 -12.71 -13.34 -14.97
N VAL A 467 -11.63 -13.83 -15.56
CA VAL A 467 -10.54 -12.98 -16.01
C VAL A 467 -10.49 -12.91 -17.54
N LYS A 468 -10.52 -11.72 -18.10
CA LYS A 468 -10.31 -11.53 -19.53
C LYS A 468 -9.03 -10.73 -19.78
N THR A 469 -8.44 -10.93 -20.95
CA THR A 469 -7.24 -10.20 -21.33
C THR A 469 -7.39 -9.70 -22.75
N ARG A 470 -6.96 -8.48 -23.00
CA ARG A 470 -7.12 -7.88 -24.32
C ARG A 470 -5.88 -7.10 -24.71
N ALA A 471 -5.22 -7.53 -25.78
CA ALA A 471 -3.98 -6.90 -26.18
C ALA A 471 -4.09 -6.17 -27.49
N SER A 472 -3.15 -5.25 -27.69
CA SER A 472 -2.99 -4.59 -28.96
C SER A 472 -1.51 -4.35 -29.20
N THR A 473 -1.03 -4.77 -30.36
CA THR A 473 0.36 -4.52 -30.70
C THR A 473 0.43 -3.41 -31.76
N VAL A 474 1.37 -2.50 -31.54
CA VAL A 474 1.47 -1.26 -32.29
C VAL A 474 2.82 -1.14 -33.00
N SER A 475 2.83 -0.56 -34.19
CA SER A 475 4.03 -0.44 -35.02
C SER A 475 5.26 0.15 -34.31
N SER A 476 5.04 1.24 -33.58
CA SER A 476 6.15 1.92 -32.92
C SER A 476 6.08 1.75 -31.40
N VAL A 477 7.24 1.73 -30.74
CA VAL A 477 7.27 1.60 -29.30
C VAL A 477 6.56 2.79 -28.64
N VAL A 478 5.99 2.54 -27.46
CA VAL A 478 5.31 3.57 -26.69
C VAL A 478 5.81 3.53 -25.26
N SER A 479 5.70 4.64 -24.53
CA SER A 479 6.28 4.70 -23.20
C SER A 479 5.55 5.61 -22.22
N THR A 480 4.97 6.69 -22.73
CA THR A 480 4.34 7.69 -21.87
C THR A 480 2.98 7.23 -21.41
N ALA A 481 2.47 7.86 -20.36
CA ALA A 481 1.17 7.49 -19.83
C ALA A 481 0.07 7.75 -20.87
N GLU A 482 0.28 8.75 -21.71
CA GLU A 482 -0.72 9.12 -22.70
C GLU A 482 -0.80 8.10 -23.82
N GLU A 483 0.34 7.64 -24.31
CA GLU A 483 0.39 6.63 -25.36
C GLU A 483 -0.28 5.33 -24.90
N ILE A 484 0.22 4.86 -23.75
CA ILE A 484 -0.27 3.62 -23.16
C ILE A 484 -1.77 3.71 -22.92
N PHE A 485 -2.21 4.84 -22.38
CA PHE A 485 -3.63 5.01 -22.11
C PHE A 485 -4.41 5.13 -23.41
N ALA A 486 -3.75 5.62 -24.46
CA ALA A 486 -4.39 5.71 -25.76
C ALA A 486 -4.81 4.32 -26.21
N ILE A 487 -3.89 3.36 -26.10
CA ILE A 487 -4.26 1.98 -26.48
C ILE A 487 -5.24 1.29 -25.50
N ALA A 488 -4.91 1.36 -24.22
CA ALA A 488 -5.67 0.66 -23.20
C ALA A 488 -7.12 1.16 -23.17
N LYS A 489 -7.28 2.47 -23.35
CA LYS A 489 -8.60 3.10 -23.40
C LYS A 489 -9.48 2.40 -24.43
N GLU A 490 -8.97 2.20 -25.64
CA GLU A 490 -9.77 1.58 -26.69
C GLU A 490 -10.06 0.13 -26.40
N LEU A 491 -9.08 -0.58 -25.85
CA LEU A 491 -9.34 -1.99 -25.52
C LEU A 491 -10.50 -2.07 -24.52
N LEU A 492 -10.43 -1.21 -23.52
CA LEU A 492 -11.44 -1.18 -22.48
C LEU A 492 -12.79 -0.78 -23.05
N LYS A 493 -12.77 0.17 -23.98
CA LYS A 493 -13.98 0.63 -24.63
C LYS A 493 -14.66 -0.51 -25.34
N THR A 494 -13.87 -1.29 -26.07
CA THR A 494 -14.37 -2.46 -26.77
C THR A 494 -15.06 -3.42 -25.82
N GLU A 495 -14.43 -3.60 -24.66
CA GLU A 495 -15.01 -4.54 -23.70
C GLU A 495 -16.30 -3.99 -23.07
N ILE A 496 -16.36 -2.67 -22.87
CA ILE A 496 -17.54 -2.04 -22.30
C ILE A 496 -18.68 -2.09 -23.28
N ASP A 497 -18.37 -1.95 -24.56
CA ASP A 497 -19.37 -2.02 -25.63
C ASP A 497 -19.95 -3.41 -25.78
N ALA A 498 -19.09 -4.42 -25.68
CA ALA A 498 -19.52 -5.81 -25.92
C ALA A 498 -20.63 -6.29 -24.98
N ASP A 499 -20.84 -5.59 -23.88
CA ASP A 499 -21.83 -5.99 -22.89
C ASP A 499 -22.99 -5.00 -22.80
N PHE A 500 -22.86 -3.90 -23.54
CA PHE A 500 -23.86 -2.83 -23.59
C PHE A 500 -25.23 -3.40 -23.94
N PRO A 501 -26.29 -2.96 -23.23
CA PRO A 501 -26.36 -1.90 -22.23
C PRO A 501 -26.02 -2.30 -20.78
N HIS A 502 -25.20 -3.32 -20.58
CA HIS A 502 -24.87 -3.73 -19.20
C HIS A 502 -23.53 -3.15 -18.75
N PRO A 503 -23.42 -2.79 -17.46
CA PRO A 503 -22.13 -2.25 -17.03
C PRO A 503 -21.13 -3.38 -16.78
N LEU A 504 -19.85 -3.06 -17.01
CA LEU A 504 -18.81 -3.99 -16.62
C LEU A 504 -18.76 -3.95 -15.11
N ARG A 505 -19.06 -5.08 -14.47
CA ARG A 505 -18.93 -5.15 -13.02
C ARG A 505 -17.59 -5.77 -12.66
N LEU A 506 -16.55 -4.95 -12.53
CA LEU A 506 -15.21 -5.50 -12.31
C LEU A 506 -14.65 -5.23 -10.90
N ARG A 507 -13.93 -6.23 -10.39
CA ARG A 507 -13.25 -6.18 -9.09
C ARG A 507 -11.73 -6.00 -9.21
N LEU A 508 -11.24 -5.99 -10.45
CA LEU A 508 -9.81 -5.84 -10.67
C LEU A 508 -9.54 -5.34 -12.09
N MET A 509 -8.55 -4.48 -12.21
CA MET A 509 -8.10 -4.04 -13.52
C MET A 509 -6.58 -3.98 -13.58
N GLY A 510 -6.02 -4.25 -14.75
CA GLY A 510 -4.58 -4.22 -14.93
C GLY A 510 -4.14 -3.82 -16.32
N VAL A 511 -2.92 -3.30 -16.41
CA VAL A 511 -2.32 -2.92 -17.68
C VAL A 511 -0.91 -3.49 -17.77
N ARG A 512 -0.60 -4.12 -18.89
CA ARG A 512 0.69 -4.75 -19.09
C ARG A 512 1.30 -4.24 -20.37
N ILE A 513 2.62 -4.03 -20.33
CA ILE A 513 3.32 -3.68 -21.56
C ILE A 513 4.46 -4.67 -21.83
N SER A 514 4.57 -5.03 -23.10
CA SER A 514 5.59 -5.98 -23.54
C SER A 514 6.03 -5.66 -24.95
N SER A 515 6.71 -6.63 -25.57
CA SER A 515 7.33 -6.49 -26.88
C SER A 515 8.43 -5.43 -26.86
N PHE A 516 9.33 -5.55 -25.90
CA PHE A 516 10.47 -4.66 -25.78
C PHE A 516 11.43 -4.89 -26.94
N PRO A 517 12.25 -3.87 -27.28
CA PRO A 517 13.12 -3.92 -28.45
C PRO A 517 14.30 -4.90 -28.33
N ASN A 518 14.64 -5.58 -29.42
CA ASN A 518 15.78 -6.49 -29.44
C ASN A 518 17.10 -5.71 -29.57
N LEU B 31 -22.81 4.43 22.07
CA LEU B 31 -22.06 4.31 23.34
C LEU B 31 -22.20 5.60 24.16
N ASP B 32 -21.77 5.58 25.42
CA ASP B 32 -21.95 6.80 26.20
C ASP B 32 -20.68 7.61 26.02
N LYS B 33 -20.84 8.92 25.84
CA LYS B 33 -19.69 9.80 25.59
C LYS B 33 -18.59 9.59 26.63
N GLU B 34 -19.01 9.15 27.81
CA GLU B 34 -18.09 8.89 28.91
C GLU B 34 -17.52 7.48 28.80
N LYS B 35 -18.36 6.55 28.35
CA LYS B 35 -17.95 5.16 28.23
C LYS B 35 -16.93 5.05 27.12
N ILE B 36 -17.11 5.86 26.08
CA ILE B 36 -16.14 5.93 24.99
C ILE B 36 -14.79 6.35 25.52
N ASN B 37 -14.77 7.47 26.25
CA ASN B 37 -13.54 7.96 26.85
C ASN B 37 -12.88 6.90 27.75
N LYS B 38 -13.73 6.08 28.37
CA LYS B 38 -13.24 5.06 29.29
C LYS B 38 -12.61 3.89 28.56
N ILE B 39 -13.35 3.34 27.60
CA ILE B 39 -12.84 2.22 26.83
C ILE B 39 -11.53 2.62 26.16
N ILE B 40 -11.47 3.87 25.68
CA ILE B 40 -10.25 4.35 25.02
C ILE B 40 -9.08 4.49 26.03
N MET B 41 -9.31 5.18 27.15
CA MET B 41 -8.25 5.34 28.14
C MET B 41 -7.73 3.97 28.57
N GLU B 42 -8.64 3.02 28.67
CA GLU B 42 -8.25 1.67 29.07
C GLU B 42 -7.39 1.00 28.01
N ALA B 43 -7.67 1.28 26.74
CA ALA B 43 -6.96 0.64 25.63
C ALA B 43 -5.57 1.25 25.39
N THR B 44 -5.47 2.56 25.62
CA THR B 44 -4.24 3.31 25.36
C THR B 44 -3.28 3.22 26.53
N LYS B 45 -3.78 2.75 27.67
CA LYS B 45 -3.06 2.79 28.93
C LYS B 45 -1.79 1.93 28.89
N GLY B 46 -0.65 2.54 29.20
CA GLY B 46 0.60 1.80 29.29
C GLY B 46 1.41 1.72 28.01
N SER B 47 0.81 2.11 26.89
CA SER B 47 1.51 2.05 25.61
C SER B 47 2.58 3.11 25.56
N ARG B 48 3.60 2.87 24.75
CA ARG B 48 4.67 3.83 24.55
C ARG B 48 4.05 5.10 23.96
N PHE B 49 3.06 4.90 23.10
CA PHE B 49 2.29 5.96 22.47
C PHE B 49 1.72 6.91 23.52
N TYR B 50 1.13 6.32 24.56
CA TYR B 50 0.48 7.12 25.58
C TYR B 50 1.51 7.88 26.41
N GLY B 51 2.65 7.26 26.66
CA GLY B 51 3.75 7.93 27.34
C GLY B 51 4.17 9.19 26.59
N ASN B 52 4.25 9.07 25.27
CA ASN B 52 4.65 10.23 24.50
C ASN B 52 3.54 11.28 24.53
N GLU B 53 2.29 10.81 24.64
CA GLU B 53 1.18 11.75 24.69
C GLU B 53 1.19 12.56 26.00
N LEU B 54 1.49 11.89 27.11
CA LEU B 54 1.60 12.55 28.41
C LEU B 54 2.72 13.57 28.37
N LYS B 55 3.85 13.17 27.81
CA LYS B 55 4.99 14.09 27.70
C LYS B 55 4.58 15.32 26.90
N LYS B 56 3.76 15.11 25.87
CA LYS B 56 3.32 16.24 25.06
C LYS B 56 2.38 17.17 25.83
N GLU B 57 1.48 16.57 26.61
CA GLU B 57 0.60 17.39 27.42
C GLU B 57 1.39 18.21 28.44
N LYS B 58 2.41 17.62 29.06
CA LYS B 58 3.21 18.41 30.00
C LYS B 58 3.92 19.57 29.30
N GLN B 59 4.45 19.34 28.10
CA GLN B 59 5.12 20.46 27.44
C GLN B 59 4.11 21.58 27.14
N VAL B 60 2.91 21.22 26.71
CA VAL B 60 1.88 22.22 26.42
C VAL B 60 1.46 22.99 27.67
N ASN B 61 1.23 22.25 28.75
CA ASN B 61 0.93 22.85 30.05
C ASN B 61 2.00 23.85 30.48
N GLN B 62 3.27 23.47 30.32
CA GLN B 62 4.37 24.35 30.69
C GLN B 62 4.31 25.62 29.83
N ARG B 63 3.92 25.45 28.59
CA ARG B 63 3.85 26.57 27.67
C ARG B 63 2.74 27.54 28.11
N ILE B 64 1.66 26.95 28.66
CA ILE B 64 0.54 27.74 29.18
C ILE B 64 0.96 28.49 30.45
N GLU B 65 1.57 27.77 31.41
CA GLU B 65 2.07 28.39 32.64
C GLU B 65 2.95 29.59 32.31
N ASN B 66 3.84 29.42 31.33
CA ASN B 66 4.67 30.56 30.92
C ASN B 66 3.81 31.69 30.42
N MET B 67 2.78 31.36 29.64
CA MET B 67 1.91 32.42 29.10
C MET B 67 1.22 33.21 30.22
N MET B 68 0.71 32.49 31.23
CA MET B 68 0.02 33.13 32.36
C MET B 68 0.98 34.02 33.16
N GLN B 69 2.16 33.49 33.47
CA GLN B 69 3.13 34.27 34.20
C GLN B 69 3.54 35.53 33.42
N GLN B 70 3.49 35.46 32.09
CA GLN B 70 3.75 36.67 31.32
C GLN B 70 2.56 37.63 31.44
N LYS B 71 1.35 37.07 31.50
CA LYS B 71 0.12 37.83 31.68
C LYS B 71 0.10 38.53 33.05
N ALA B 72 0.94 38.07 33.96
CA ALA B 72 1.04 38.69 35.29
C ALA B 72 1.78 40.04 35.25
N GLN B 73 2.84 40.13 34.45
CA GLN B 73 3.64 41.34 34.41
C GLN B 73 3.09 42.42 33.46
N ILE B 74 1.87 42.23 32.95
CA ILE B 74 1.28 43.29 32.13
C ILE B 74 0.55 44.27 33.05
N THR B 75 0.70 45.56 32.75
CA THR B 75 0.08 46.65 33.52
C THR B 75 -1.06 47.31 32.78
N SER B 76 -2.06 47.77 33.53
CA SER B 76 -3.20 48.52 32.99
C SER B 76 -2.75 49.54 31.95
N GLN B 77 -1.61 50.15 32.22
CA GLN B 77 -0.96 51.10 31.33
C GLN B 77 -0.67 50.41 29.99
N GLN B 78 0.01 49.26 30.09
CA GLN B 78 0.43 48.52 28.90
C GLN B 78 -0.78 48.04 28.14
N LEU B 79 -1.76 47.53 28.89
CA LEU B 79 -3.04 47.14 28.32
C LEU B 79 -3.72 48.24 27.55
N ARG B 80 -3.79 49.46 28.10
CA ARG B 80 -4.38 50.60 27.38
C ARG B 80 -3.67 50.86 26.08
N LYS B 81 -2.33 50.81 26.13
CA LYS B 81 -1.55 51.09 24.94
C LYS B 81 -1.94 50.06 23.86
N ALA B 82 -2.00 48.81 24.31
CA ALA B 82 -2.32 47.68 23.45
C ALA B 82 -3.72 47.81 22.88
N GLN B 83 -4.65 48.16 23.77
CA GLN B 83 -6.05 48.34 23.45
C GLN B 83 -6.22 49.34 22.35
N LEU B 84 -5.49 50.45 22.43
CA LEU B 84 -5.63 51.46 21.42
C LEU B 84 -5.06 50.99 20.09
N GLN B 85 -3.94 50.26 20.16
CA GLN B 85 -3.30 49.78 18.94
C GLN B 85 -4.21 48.81 18.18
N VAL B 86 -4.60 47.76 18.84
CA VAL B 86 -5.45 46.84 18.16
C VAL B 86 -6.60 47.67 17.62
N ASP B 87 -7.44 48.17 18.52
CA ASP B 87 -8.62 48.98 18.18
C ASP B 87 -8.44 49.86 16.98
N ARG B 88 -7.23 50.36 16.78
CA ARG B 88 -7.00 51.20 15.62
C ARG B 88 -6.90 50.30 14.42
N PHE B 89 -6.19 49.19 14.58
CA PHE B 89 -6.00 48.23 13.52
C PHE B 89 -7.32 47.60 13.14
N ALA B 90 -8.15 47.35 14.13
CA ALA B 90 -9.47 46.79 13.95
C ALA B 90 -10.28 47.71 13.02
N MET B 91 -10.25 49.00 13.30
CA MET B 91 -10.94 49.98 12.47
C MET B 91 -10.43 49.92 11.04
N GLU B 92 -9.12 49.71 10.88
CA GLU B 92 -8.58 49.62 9.53
C GLU B 92 -9.22 48.43 8.82
N LEU B 93 -9.34 47.31 9.53
CA LEU B 93 -9.98 46.13 8.95
C LEU B 93 -11.47 46.30 8.65
N GLU B 94 -12.23 46.80 9.61
CA GLU B 94 -13.68 46.89 9.52
C GLU B 94 -14.07 47.85 8.42
N GLN B 95 -13.22 48.86 8.18
CA GLN B 95 -13.48 49.80 7.09
C GLN B 95 -13.23 49.11 5.75
N SER B 96 -12.35 48.11 5.75
CA SER B 96 -12.01 47.40 4.51
C SER B 96 -12.78 46.09 4.29
N ARG B 97 -13.79 45.81 5.13
CA ARG B 97 -14.61 44.61 4.99
C ARG B 97 -15.29 44.50 3.63
N ASN B 98 -14.99 43.42 2.91
CA ASN B 98 -15.59 43.13 1.61
C ASN B 98 -16.71 42.10 1.72
N LEU B 99 -17.92 42.46 1.28
CA LEU B 99 -19.07 41.55 1.30
C LEU B 99 -19.69 41.30 -0.08
N SER B 100 -18.91 41.52 -1.13
CA SER B 100 -19.43 41.46 -2.49
C SER B 100 -19.24 40.08 -3.14
N ASN B 101 -18.34 39.29 -2.59
CA ASN B 101 -18.06 37.98 -3.13
C ASN B 101 -18.95 36.89 -2.53
N THR B 102 -19.18 35.86 -3.31
CA THR B 102 -19.94 34.71 -2.83
C THR B 102 -19.05 33.47 -2.84
N ILE B 103 -18.78 32.96 -1.65
CA ILE B 103 -17.89 31.83 -1.48
C ILE B 103 -18.65 30.60 -1.00
N VAL B 104 -18.36 29.49 -1.66
CA VAL B 104 -18.98 28.22 -1.32
C VAL B 104 -17.93 27.22 -0.86
N HIS B 105 -18.24 26.47 0.17
CA HIS B 105 -17.37 25.38 0.55
C HIS B 105 -18.11 24.07 0.43
N ILE B 106 -17.61 23.21 -0.46
CA ILE B 106 -18.23 21.90 -0.73
C ILE B 106 -17.48 20.77 -0.05
N ASP B 107 -18.24 19.91 0.62
CA ASP B 107 -17.70 18.80 1.39
C ASP B 107 -18.50 17.51 1.12
N MET B 108 -17.88 16.50 0.52
CA MET B 108 -18.55 15.20 0.40
C MET B 108 -18.76 14.57 1.77
N ASP B 109 -19.94 14.02 2.00
CA ASP B 109 -20.27 13.47 3.30
C ASP B 109 -19.69 12.07 3.50
N ALA B 110 -18.81 11.95 4.50
CA ALA B 110 -18.17 10.69 4.84
C ALA B 110 -17.63 9.96 3.60
N PHE B 111 -17.07 10.77 2.69
CA PHE B 111 -16.68 10.38 1.33
C PHE B 111 -16.24 8.93 1.10
N TYR B 112 -15.10 8.55 1.69
CA TYR B 112 -14.53 7.24 1.42
C TYR B 112 -15.54 6.14 1.78
N ALA B 113 -16.12 6.29 2.97
CA ALA B 113 -17.06 5.31 3.47
C ALA B 113 -18.35 5.33 2.63
N ALA B 114 -18.62 6.46 1.99
CA ALA B 114 -19.82 6.58 1.17
C ALA B 114 -19.63 5.86 -0.16
N VAL B 115 -18.42 5.90 -0.70
CA VAL B 115 -18.14 5.17 -1.93
C VAL B 115 -18.21 3.67 -1.64
N GLU B 116 -17.60 3.29 -0.52
CA GLU B 116 -17.59 1.89 -0.16
C GLU B 116 -19.00 1.41 0.12
N MET B 117 -19.87 2.31 0.59
CA MET B 117 -21.26 1.91 0.82
C MET B 117 -22.04 1.85 -0.50
N ARG B 118 -21.69 2.72 -1.45
CA ARG B 118 -22.33 2.76 -2.74
C ARG B 118 -22.10 1.48 -3.49
N ASP B 119 -20.95 0.85 -3.23
CA ASP B 119 -20.55 -0.27 -4.07
C ASP B 119 -20.64 -1.63 -3.37
N ASN B 120 -21.00 -1.65 -2.09
CA ASN B 120 -21.30 -2.91 -1.40
C ASN B 120 -22.56 -2.73 -0.57
N PRO B 121 -23.70 -3.15 -1.14
CA PRO B 121 -25.02 -3.02 -0.53
C PRO B 121 -25.11 -3.60 0.90
N GLU B 122 -24.38 -4.69 1.16
CA GLU B 122 -24.37 -5.32 2.48
C GLU B 122 -23.93 -4.34 3.59
N LEU B 123 -23.30 -3.25 3.18
CA LEU B 123 -22.78 -2.24 4.08
C LEU B 123 -23.75 -1.07 4.26
N LYS B 124 -25.04 -1.33 4.02
CA LYS B 124 -26.04 -0.27 4.08
C LYS B 124 -26.32 0.21 5.50
N ASP B 125 -27.12 -0.55 6.23
CA ASP B 125 -27.49 -0.18 7.60
C ASP B 125 -26.46 -0.65 8.63
N LYS B 126 -25.18 -0.48 8.31
CA LYS B 126 -24.13 -0.99 9.19
C LYS B 126 -23.02 0.03 9.49
N PRO B 127 -22.37 -0.08 10.66
CA PRO B 127 -21.24 0.80 10.99
C PRO B 127 -19.95 0.35 10.33
N ILE B 128 -19.42 1.18 9.44
CA ILE B 128 -18.20 0.82 8.73
C ILE B 128 -17.13 1.89 8.86
N ALA B 129 -15.88 1.48 8.69
CA ALA B 129 -14.78 2.42 8.62
C ALA B 129 -13.84 2.04 7.49
N VAL B 130 -13.21 3.04 6.90
CA VAL B 130 -12.20 2.85 5.87
C VAL B 130 -10.83 3.06 6.47
N GLY B 131 -9.99 2.04 6.32
CA GLY B 131 -8.62 2.07 6.79
C GLY B 131 -8.12 0.68 7.19
N SER B 132 -7.16 0.64 8.09
CA SER B 132 -6.62 -0.63 8.55
C SER B 132 -6.83 -0.82 10.04
N MET B 133 -6.36 -1.94 10.56
CA MET B 133 -6.46 -2.20 11.98
C MET B 133 -5.49 -1.30 12.72
N SER B 134 -4.56 -0.71 11.98
CA SER B 134 -3.56 0.19 12.55
C SER B 134 -4.04 1.63 12.55
N MET B 135 -4.82 1.98 11.53
CA MET B 135 -5.27 3.36 11.35
C MET B 135 -6.53 3.39 10.49
N LEU B 136 -7.48 4.23 10.89
CA LEU B 136 -8.70 4.40 10.12
C LEU B 136 -8.68 5.74 9.44
N SER B 137 -9.05 5.74 8.16
CA SER B 137 -9.03 6.95 7.38
C SER B 137 -10.31 7.72 7.68
N THR B 138 -11.43 6.99 7.79
CA THR B 138 -12.72 7.64 8.07
C THR B 138 -13.81 6.67 8.47
N SER B 139 -14.92 7.19 8.99
CA SER B 139 -16.05 6.34 9.36
C SER B 139 -17.39 6.90 8.88
N ASN B 140 -18.40 6.04 8.82
CA ASN B 140 -19.72 6.52 8.45
C ASN B 140 -20.40 7.00 9.72
N TYR B 141 -21.46 7.79 9.55
CA TYR B 141 -22.16 8.41 10.65
C TYR B 141 -22.64 7.41 11.69
N HIS B 142 -23.08 6.27 11.18
CA HIS B 142 -23.49 5.18 12.02
C HIS B 142 -22.35 4.80 12.96
N ALA B 143 -21.15 4.64 12.40
CA ALA B 143 -19.98 4.33 13.22
C ALA B 143 -19.55 5.55 14.04
N ARG B 144 -19.74 6.75 13.49
CA ARG B 144 -19.41 7.97 14.18
C ARG B 144 -20.18 8.06 15.49
N ARG B 145 -21.27 7.29 15.58
CA ARG B 145 -22.10 7.30 16.80
C ARG B 145 -21.49 6.43 17.89
N PHE B 146 -20.42 5.70 17.58
CA PHE B 146 -19.74 4.89 18.59
C PHE B 146 -18.45 5.57 19.04
N GLY B 147 -18.21 6.77 18.54
CA GLY B 147 -17.01 7.50 18.90
C GLY B 147 -15.80 7.15 18.06
N VAL B 148 -16.00 6.24 17.10
CA VAL B 148 -14.90 5.89 16.20
C VAL B 148 -14.85 6.96 15.11
N ARG B 149 -13.64 7.43 14.82
CA ARG B 149 -13.46 8.52 13.88
C ARG B 149 -12.12 8.44 13.16
N ALA B 150 -11.96 9.32 12.18
CA ALA B 150 -10.75 9.39 11.40
C ALA B 150 -9.54 9.53 12.31
N ALA B 151 -8.42 8.96 11.88
CA ALA B 151 -7.13 9.03 12.59
C ALA B 151 -7.13 8.20 13.87
N MET B 152 -8.08 7.29 14.00
CA MET B 152 -8.12 6.38 15.14
C MET B 152 -7.75 4.96 14.72
N PRO B 153 -6.83 4.32 15.46
CA PRO B 153 -6.50 2.92 15.15
C PRO B 153 -7.73 2.02 15.16
N GLY B 154 -7.77 1.12 14.19
CA GLY B 154 -8.91 0.23 14.03
C GLY B 154 -9.07 -0.69 15.22
N PHE B 155 -7.96 -1.12 15.80
CA PHE B 155 -8.02 -2.09 16.88
C PHE B 155 -8.66 -1.45 18.11
N ILE B 156 -8.68 -0.13 18.14
CA ILE B 156 -9.37 0.56 19.22
C ILE B 156 -10.85 0.72 18.90
N ALA B 157 -11.13 1.15 17.68
CA ALA B 157 -12.51 1.33 17.24
C ALA B 157 -13.29 0.03 17.37
N LYS B 158 -12.60 -1.10 17.20
CA LYS B 158 -13.25 -2.39 17.40
C LYS B 158 -13.65 -2.58 18.85
N ARG B 159 -12.82 -2.12 19.77
CA ARG B 159 -13.18 -2.17 21.18
C ARG B 159 -14.37 -1.26 21.46
N LEU B 160 -14.46 -0.15 20.74
CA LEU B 160 -15.63 0.72 20.90
C LEU B 160 -16.86 0.18 20.19
N CYS B 161 -16.65 -0.76 19.28
CA CYS B 161 -17.71 -1.21 18.39
C CYS B 161 -17.29 -2.47 17.68
N PRO B 162 -17.50 -3.63 18.33
CA PRO B 162 -17.01 -4.92 17.81
C PRO B 162 -17.70 -5.37 16.53
N GLN B 163 -18.82 -4.72 16.18
CA GLN B 163 -19.53 -5.05 14.95
C GLN B 163 -19.08 -4.16 13.81
N LEU B 164 -18.09 -3.33 14.08
CA LEU B 164 -17.56 -2.42 13.08
C LEU B 164 -16.97 -3.17 11.88
N ILE B 165 -17.29 -2.67 10.70
CA ILE B 165 -16.72 -3.19 9.48
C ILE B 165 -15.57 -2.31 9.02
N ILE B 166 -14.36 -2.86 9.05
CA ILE B 166 -13.21 -2.13 8.53
C ILE B 166 -12.93 -2.52 7.09
N VAL B 167 -13.21 -1.61 6.17
CA VAL B 167 -12.95 -1.85 4.75
C VAL B 167 -11.62 -1.24 4.32
N PRO B 168 -10.83 -2.00 3.56
CA PRO B 168 -9.54 -1.49 3.08
C PRO B 168 -9.75 -0.32 2.13
N PRO B 169 -8.88 0.69 2.18
CA PRO B 169 -9.05 1.86 1.32
C PRO B 169 -8.90 1.52 -0.16
N ASN B 170 -9.65 2.20 -1.01
CA ASN B 170 -9.48 2.07 -2.45
C ASN B 170 -9.31 3.45 -3.04
N PHE B 171 -8.13 4.04 -2.80
CA PHE B 171 -7.88 5.44 -3.12
C PHE B 171 -8.09 5.78 -4.60
N ASP B 172 -7.89 4.80 -5.49
CA ASP B 172 -8.05 5.07 -6.91
C ASP B 172 -9.52 5.39 -7.23
N LYS B 173 -10.39 4.63 -6.57
CA LYS B 173 -11.81 4.85 -6.69
C LYS B 173 -12.16 6.26 -6.23
N TYR B 174 -11.63 6.65 -5.07
CA TYR B 174 -11.96 7.94 -4.48
C TYR B 174 -11.49 9.03 -5.43
N ARG B 175 -10.32 8.84 -6.03
CA ARG B 175 -9.79 9.80 -7.00
C ARG B 175 -10.70 9.93 -8.22
N ALA B 176 -11.30 8.82 -8.63
CA ALA B 176 -12.15 8.82 -9.82
C ALA B 176 -13.47 9.56 -9.55
N VAL B 177 -14.08 9.23 -8.42
CA VAL B 177 -15.33 9.88 -8.02
C VAL B 177 -15.09 11.38 -7.90
N SER B 178 -13.96 11.69 -7.25
CA SER B 178 -13.52 13.05 -7.08
C SER B 178 -13.37 13.75 -8.43
N LYS B 179 -12.91 13.02 -9.44
CA LYS B 179 -12.75 13.59 -10.77
C LYS B 179 -14.12 13.98 -11.32
N GLU B 180 -15.11 13.12 -11.07
CA GLU B 180 -16.45 13.44 -11.51
C GLU B 180 -16.99 14.74 -10.85
N VAL B 181 -16.79 14.86 -9.54
CA VAL B 181 -17.39 16.02 -8.88
C VAL B 181 -16.62 17.29 -9.21
N LYS B 182 -15.31 17.17 -9.35
CA LYS B 182 -14.53 18.31 -9.77
C LYS B 182 -15.05 18.78 -11.13
N GLU B 183 -15.40 17.82 -11.98
CA GLU B 183 -15.95 18.16 -13.29
C GLU B 183 -17.24 18.96 -13.15
N ILE B 184 -18.05 18.62 -12.14
CA ILE B 184 -19.24 19.46 -11.91
C ILE B 184 -18.91 20.86 -11.37
N LEU B 185 -18.08 20.94 -10.33
CA LEU B 185 -17.71 22.23 -9.72
C LEU B 185 -17.05 23.21 -10.68
N ALA B 186 -16.40 22.68 -11.72
CA ALA B 186 -15.71 23.54 -12.66
C ALA B 186 -16.67 24.39 -13.51
N ASP B 187 -17.95 24.00 -13.55
CA ASP B 187 -18.94 24.79 -14.28
C ASP B 187 -19.30 26.09 -13.58
N TYR B 188 -18.99 26.18 -12.29
CA TYR B 188 -19.44 27.31 -11.49
C TYR B 188 -18.29 28.20 -11.14
N ASP B 189 -17.12 27.60 -11.05
CA ASP B 189 -15.89 28.36 -10.93
C ASP B 189 -14.75 27.54 -11.45
N PRO B 190 -14.34 27.81 -12.70
CA PRO B 190 -13.22 27.09 -13.31
C PRO B 190 -11.94 27.21 -12.51
N ASN B 191 -11.79 28.26 -11.71
CA ASN B 191 -10.59 28.36 -10.89
C ASN B 191 -10.84 27.97 -9.43
N PHE B 192 -11.80 27.08 -9.20
CA PHE B 192 -12.08 26.62 -7.85
C PHE B 192 -10.83 26.01 -7.23
N MET B 193 -10.82 25.92 -5.90
CA MET B 193 -9.66 25.44 -5.18
C MET B 193 -9.96 24.17 -4.42
N ALA B 194 -9.45 23.04 -4.92
CA ALA B 194 -9.60 21.75 -4.25
C ALA B 194 -8.65 21.64 -3.05
N MET B 195 -9.21 21.34 -1.87
CA MET B 195 -8.43 21.22 -0.66
C MET B 195 -8.07 19.77 -0.38
N SER B 196 -8.90 18.87 -0.90
CA SER B 196 -8.63 17.45 -0.84
C SER B 196 -9.42 16.78 -1.93
N LEU B 197 -9.62 15.47 -1.84
CA LEU B 197 -10.39 14.81 -2.88
C LEU B 197 -11.87 15.19 -2.78
N ASP B 198 -12.34 15.45 -1.56
CA ASP B 198 -13.76 15.68 -1.31
C ASP B 198 -14.10 17.09 -0.85
N GLU B 199 -13.11 17.97 -0.78
CA GLU B 199 -13.30 19.33 -0.29
C GLU B 199 -12.87 20.37 -1.31
N ALA B 200 -13.70 21.38 -1.52
CA ALA B 200 -13.35 22.47 -2.43
C ALA B 200 -13.92 23.82 -2.00
N TYR B 201 -13.26 24.89 -2.44
CA TYR B 201 -13.73 26.25 -2.29
C TYR B 201 -14.12 26.81 -3.66
N LEU B 202 -15.25 27.52 -3.74
CA LEU B 202 -15.73 28.12 -5.01
C LEU B 202 -16.02 29.62 -4.88
N ASN B 203 -15.60 30.40 -5.87
CA ASN B 203 -16.02 31.79 -5.97
C ASN B 203 -17.06 31.91 -7.09
N ILE B 204 -18.34 31.83 -6.73
CA ILE B 204 -19.40 31.75 -7.74
C ILE B 204 -20.03 33.10 -8.03
N THR B 205 -19.39 34.15 -7.56
CA THR B 205 -19.86 35.51 -7.81
C THR B 205 -20.18 35.76 -9.30
N LYS B 206 -19.18 35.56 -10.16
CA LYS B 206 -19.35 35.82 -11.59
C LYS B 206 -20.46 34.95 -12.17
N HIS B 207 -20.47 33.69 -11.78
CA HIS B 207 -21.53 32.79 -12.24
C HIS B 207 -22.91 33.25 -11.80
N LEU B 208 -23.04 33.76 -10.57
CA LEU B 208 -24.32 34.27 -10.09
C LEU B 208 -24.77 35.45 -10.96
N GLU B 209 -23.80 36.31 -11.26
CA GLU B 209 -24.03 37.50 -12.08
C GLU B 209 -24.58 37.11 -13.44
N GLU B 210 -23.96 36.13 -14.08
CA GLU B 210 -24.42 35.64 -15.38
C GLU B 210 -25.75 34.88 -15.29
N ARG B 211 -25.93 34.17 -14.18
CA ARG B 211 -27.09 33.31 -13.97
C ARG B 211 -28.33 34.14 -13.76
N GLN B 212 -28.15 35.41 -13.40
CA GLN B 212 -29.29 36.28 -13.14
C GLN B 212 -30.13 36.55 -14.40
N ASN B 213 -29.53 36.37 -15.57
CA ASN B 213 -30.26 36.49 -16.84
C ASN B 213 -30.29 35.19 -17.65
N TRP B 214 -30.46 34.07 -16.95
CA TRP B 214 -30.58 32.76 -17.59
C TRP B 214 -32.05 32.35 -17.73
N PRO B 215 -32.43 31.83 -18.91
CA PRO B 215 -33.76 31.24 -19.10
C PRO B 215 -33.90 29.92 -18.34
N GLU B 216 -35.12 29.43 -18.13
CA GLU B 216 -35.30 28.21 -17.35
C GLU B 216 -34.63 26.98 -17.96
N ASP B 217 -34.21 27.10 -19.21
CA ASP B 217 -33.66 25.97 -19.97
C ASP B 217 -32.24 25.66 -19.51
N LYS B 218 -31.49 26.70 -19.20
CA LYS B 218 -30.11 26.52 -18.77
C LYS B 218 -30.02 25.97 -17.35
N ARG B 219 -31.10 26.13 -16.58
CA ARG B 219 -31.09 25.67 -15.19
C ARG B 219 -32.24 24.70 -14.88
N ARG B 220 -32.51 23.80 -15.81
CA ARG B 220 -33.45 22.71 -15.59
C ARG B 220 -32.70 21.39 -15.72
N TYR B 221 -32.95 20.49 -14.79
CA TYR B 221 -32.26 19.21 -14.81
C TYR B 221 -33.30 18.13 -14.64
N PHE B 222 -33.02 16.99 -15.26
CA PHE B 222 -33.94 15.89 -15.29
C PHE B 222 -33.54 14.87 -14.22
N ILE B 223 -34.53 14.26 -13.59
CA ILE B 223 -34.28 13.27 -12.53
C ILE B 223 -34.21 11.85 -13.12
N LYS B 224 -33.19 11.09 -12.73
CA LYS B 224 -33.00 9.74 -13.27
C LYS B 224 -33.64 8.67 -12.38
N ASN B 282 -40.79 13.63 -14.22
CA ASN B 282 -40.33 14.35 -13.04
C ASN B 282 -38.97 15.02 -13.25
N SER B 283 -38.95 16.35 -13.18
CA SER B 283 -37.73 17.14 -13.36
C SER B 283 -37.78 18.38 -12.47
N VAL B 284 -36.67 19.11 -12.35
CA VAL B 284 -36.67 20.29 -11.49
C VAL B 284 -35.78 21.40 -11.99
N VAL B 285 -36.18 22.63 -11.69
CA VAL B 285 -35.46 23.81 -12.13
C VAL B 285 -34.93 24.54 -10.89
N PHE B 286 -33.77 25.15 -11.03
CA PHE B 286 -33.20 25.83 -9.88
C PHE B 286 -33.22 27.32 -10.12
N GLY B 287 -33.42 28.08 -9.06
CA GLY B 287 -33.59 29.51 -9.17
C GLY B 287 -32.33 30.25 -9.57
N THR B 288 -32.29 31.53 -9.23
CA THR B 288 -31.23 32.39 -9.68
C THR B 288 -30.32 32.82 -8.52
N SER B 289 -30.73 32.47 -7.30
CA SER B 289 -30.03 32.89 -6.09
C SER B 289 -28.81 32.03 -5.78
N ALA B 290 -28.04 32.44 -4.77
CA ALA B 290 -26.88 31.69 -4.33
C ALA B 290 -27.29 30.33 -3.78
N GLN B 291 -28.29 30.34 -2.91
CA GLN B 291 -28.80 29.09 -2.33
C GLN B 291 -29.22 28.14 -3.43
N GLU B 292 -29.80 28.71 -4.48
CA GLU B 292 -30.30 27.91 -5.56
C GLU B 292 -29.16 27.30 -6.36
N VAL B 293 -28.12 28.10 -6.60
CA VAL B 293 -26.93 27.62 -7.30
C VAL B 293 -26.35 26.42 -6.57
N VAL B 294 -26.30 26.54 -5.26
CA VAL B 294 -25.68 25.48 -4.49
C VAL B 294 -26.60 24.25 -4.40
N LYS B 295 -27.92 24.44 -4.45
CA LYS B 295 -28.84 23.29 -4.48
C LYS B 295 -28.64 22.54 -5.79
N GLU B 296 -28.38 23.30 -6.84
CA GLU B 296 -28.13 22.71 -8.16
C GLU B 296 -26.83 21.91 -8.15
N ILE B 297 -25.77 22.48 -7.57
CA ILE B 297 -24.49 21.75 -7.50
C ILE B 297 -24.64 20.46 -6.69
N ARG B 298 -25.24 20.55 -5.50
CA ARG B 298 -25.40 19.36 -4.68
C ARG B 298 -26.25 18.30 -5.40
N PHE B 299 -27.25 18.78 -6.13
CA PHE B 299 -28.14 17.89 -6.87
C PHE B 299 -27.39 17.15 -7.96
N ARG B 300 -26.69 17.90 -8.82
CA ARG B 300 -25.93 17.28 -9.89
C ARG B 300 -24.92 16.28 -9.37
N ILE B 301 -24.25 16.62 -8.25
CA ILE B 301 -23.31 15.69 -7.63
C ILE B 301 -24.02 14.39 -7.26
N GLU B 302 -25.19 14.52 -6.63
CA GLU B 302 -25.91 13.31 -6.25
C GLU B 302 -26.39 12.53 -7.49
N GLN B 303 -26.63 13.20 -8.61
CA GLN B 303 -27.05 12.50 -9.83
C GLN B 303 -25.89 11.73 -10.42
N LYS B 304 -24.74 12.36 -10.48
CA LYS B 304 -23.57 11.80 -11.14
C LYS B 304 -22.91 10.70 -10.31
N THR B 305 -23.02 10.78 -8.98
CA THR B 305 -22.25 9.86 -8.13
C THR B 305 -23.09 9.03 -7.17
N THR B 306 -24.35 9.42 -6.99
CA THR B 306 -25.24 8.85 -5.97
C THR B 306 -24.77 9.13 -4.53
N LEU B 307 -23.88 10.10 -4.36
CA LEU B 307 -23.38 10.46 -3.05
C LEU B 307 -23.72 11.91 -2.70
N THR B 308 -23.94 12.16 -1.41
CA THR B 308 -24.44 13.46 -0.97
C THR B 308 -23.32 14.35 -0.48
N ALA B 309 -23.48 15.65 -0.73
CA ALA B 309 -22.53 16.66 -0.31
C ALA B 309 -23.19 17.69 0.59
N SER B 310 -22.40 18.29 1.48
CA SER B 310 -22.85 19.44 2.26
C SER B 310 -22.10 20.66 1.76
N ALA B 311 -22.66 21.84 2.00
CA ALA B 311 -22.00 23.06 1.55
C ALA B 311 -22.24 24.23 2.50
N GLY B 312 -21.40 25.25 2.34
CA GLY B 312 -21.50 26.47 3.11
C GLY B 312 -21.37 27.66 2.20
N ILE B 313 -22.16 28.71 2.45
CA ILE B 313 -22.17 29.90 1.61
C ILE B 313 -21.98 31.14 2.46
N ALA B 314 -21.02 31.98 2.07
CA ALA B 314 -20.66 33.10 2.91
C ALA B 314 -19.80 34.07 2.13
N PRO B 315 -19.62 35.29 2.65
CA PRO B 315 -18.80 36.22 1.87
C PRO B 315 -17.29 35.94 1.91
N ASN B 316 -16.82 35.09 2.84
CA ASN B 316 -15.42 34.70 2.81
C ASN B 316 -15.20 33.20 3.06
N THR B 317 -13.98 32.76 2.76
CA THR B 317 -13.59 31.35 2.86
C THR B 317 -13.68 30.80 4.28
N MET B 318 -13.33 31.65 5.24
CA MET B 318 -13.37 31.30 6.65
C MET B 318 -14.78 30.98 7.13
N LEU B 319 -15.71 31.88 6.83
CA LEU B 319 -17.10 31.68 7.20
C LEU B 319 -17.73 30.54 6.42
N ALA B 320 -17.38 30.46 5.13
CA ALA B 320 -17.99 29.44 4.30
C ALA B 320 -17.58 28.07 4.81
N LYS B 321 -16.32 27.98 5.23
CA LYS B 321 -15.79 26.72 5.73
C LYS B 321 -16.49 26.37 7.03
N VAL B 322 -16.67 27.37 7.89
CA VAL B 322 -17.31 27.11 9.18
C VAL B 322 -18.78 26.70 9.10
N CYS B 323 -19.58 27.39 8.29
CA CYS B 323 -21.00 27.03 8.22
C CYS B 323 -21.27 25.91 7.21
N SER B 324 -20.24 25.51 6.48
CA SER B 324 -20.29 24.30 5.67
C SER B 324 -20.65 23.10 6.53
N ASP B 325 -20.18 23.15 7.76
CA ASP B 325 -20.38 22.09 8.73
C ASP B 325 -21.77 22.13 9.36
N LYS B 326 -22.44 23.27 9.22
CA LYS B 326 -23.67 23.54 9.95
C LYS B 326 -24.79 22.51 9.73
N ASN B 327 -25.06 22.16 8.48
CA ASN B 327 -26.14 21.20 8.18
C ASN B 327 -25.67 19.89 7.58
N LYS B 328 -24.41 19.54 7.85
CA LYS B 328 -23.86 18.26 7.44
C LYS B 328 -24.57 17.14 8.22
N PRO B 329 -24.93 16.05 7.53
CA PRO B 329 -24.75 15.78 6.11
C PRO B 329 -25.90 16.22 5.21
N ASN B 330 -25.59 16.38 3.93
CA ASN B 330 -26.55 16.70 2.88
C ASN B 330 -27.33 17.99 3.13
N GLY B 331 -26.66 18.98 3.71
CA GLY B 331 -27.27 20.26 3.99
C GLY B 331 -26.46 21.47 3.55
N GLN B 332 -27.13 22.62 3.50
CA GLN B 332 -26.49 23.89 3.17
C GLN B 332 -26.76 24.90 4.25
N TYR B 333 -25.93 25.93 4.29
CA TYR B 333 -26.20 27.08 5.13
C TYR B 333 -25.63 28.29 4.44
N GLN B 334 -26.37 29.39 4.44
CA GLN B 334 -25.81 30.64 3.94
C GLN B 334 -25.75 31.71 5.02
N ILE B 335 -24.61 32.39 5.09
CA ILE B 335 -24.50 33.60 5.87
C ILE B 335 -24.71 34.72 4.88
N LEU B 336 -25.82 35.46 5.03
CA LEU B 336 -26.16 36.52 4.11
C LEU B 336 -25.10 37.61 4.15
N PRO B 337 -24.78 38.19 2.99
CA PRO B 337 -23.64 39.12 2.93
C PRO B 337 -23.87 40.50 3.53
N ASN B 338 -24.54 40.57 4.69
CA ASN B 338 -24.60 41.81 5.46
C ASN B 338 -23.88 41.64 6.80
N ARG B 339 -23.16 42.69 7.22
CA ARG B 339 -22.33 42.66 8.42
C ARG B 339 -23.06 42.13 9.65
N GLN B 340 -24.35 42.41 9.75
CA GLN B 340 -25.13 42.01 10.92
C GLN B 340 -25.30 40.51 11.00
N ALA B 341 -25.49 39.88 9.83
CA ALA B 341 -25.60 38.42 9.76
C ALA B 341 -24.28 37.75 10.18
N VAL B 342 -23.18 38.29 9.66
CA VAL B 342 -21.85 37.82 9.99
C VAL B 342 -21.61 37.84 11.49
N MET B 343 -21.80 39.01 12.08
CA MET B 343 -21.59 39.16 13.51
C MET B 343 -22.52 38.26 14.31
N ASP B 344 -23.75 38.08 13.81
CA ASP B 344 -24.71 37.26 14.53
C ASP B 344 -24.29 35.80 14.53
N PHE B 345 -23.72 35.35 13.41
CA PHE B 345 -23.25 33.98 13.34
C PHE B 345 -22.02 33.78 14.24
N ILE B 346 -21.17 34.80 14.29
CA ILE B 346 -19.92 34.71 15.02
C ILE B 346 -20.07 34.68 16.54
N LYS B 347 -21.02 35.47 17.02
CA LYS B 347 -21.15 35.82 18.44
C LYS B 347 -20.86 34.71 19.44
N ASP B 348 -21.41 33.52 19.21
CA ASP B 348 -21.17 32.42 20.14
C ASP B 348 -20.56 31.23 19.43
N LEU B 349 -19.94 31.49 18.28
CA LEU B 349 -19.25 30.45 17.54
C LEU B 349 -17.98 30.00 18.28
N PRO B 350 -17.91 28.71 18.65
CA PRO B 350 -16.68 28.22 19.31
C PRO B 350 -15.47 28.34 18.38
N ILE B 351 -14.38 28.88 18.92
CA ILE B 351 -13.20 29.19 18.10
C ILE B 351 -12.55 27.92 17.56
N ARG B 352 -12.82 26.80 18.22
CA ARG B 352 -12.25 25.55 17.80
C ARG B 352 -12.76 25.17 16.42
N LYS B 353 -13.95 25.67 16.09
CA LYS B 353 -14.56 25.39 14.79
C LYS B 353 -13.87 26.12 13.66
N VAL B 354 -13.09 27.15 13.98
CA VAL B 354 -12.40 27.91 12.95
C VAL B 354 -11.12 27.21 12.44
N SER B 355 -10.86 27.33 11.15
CA SER B 355 -9.70 26.75 10.50
C SER B 355 -8.41 27.43 10.96
N GLY B 356 -7.51 26.68 11.60
CA GLY B 356 -6.29 27.26 12.11
C GLY B 356 -6.18 27.16 13.64
N ILE B 357 -7.34 27.07 14.30
CA ILE B 357 -7.38 26.89 15.74
C ILE B 357 -7.43 25.42 16.06
N GLY B 358 -6.30 24.83 16.45
CA GLY B 358 -6.27 23.42 16.77
C GLY B 358 -6.50 23.17 18.24
N LYS B 359 -6.25 21.94 18.68
CA LYS B 359 -6.53 21.53 20.06
C LYS B 359 -5.64 22.25 21.07
N VAL B 360 -4.39 22.41 20.70
CA VAL B 360 -3.43 23.12 21.55
C VAL B 360 -3.82 24.58 21.71
N THR B 361 -4.05 25.27 20.59
CA THR B 361 -4.46 26.68 20.65
C THR B 361 -5.78 26.84 21.41
N GLU B 362 -6.69 25.88 21.27
CA GLU B 362 -7.93 25.92 22.03
C GLU B 362 -7.66 25.86 23.52
N LYS B 363 -6.78 24.94 23.93
CA LYS B 363 -6.45 24.84 25.36
C LYS B 363 -5.79 26.13 25.89
N MET B 364 -4.89 26.70 25.10
CA MET B 364 -4.21 27.91 25.53
C MET B 364 -5.16 29.11 25.64
N LEU B 365 -6.03 29.29 24.65
CA LEU B 365 -6.95 30.43 24.69
C LEU B 365 -7.96 30.20 25.79
N LYS B 366 -8.31 28.94 26.01
CA LYS B 366 -9.23 28.61 27.08
C LYS B 366 -8.61 29.02 28.42
N ALA B 367 -7.29 28.88 28.54
CA ALA B 367 -6.61 29.31 29.76
C ALA B 367 -6.80 30.81 30.03
N LEU B 368 -7.11 31.58 28.99
CA LEU B 368 -7.35 33.02 29.15
C LEU B 368 -8.84 33.33 29.21
N GLY B 369 -9.67 32.30 29.38
CA GLY B 369 -11.10 32.44 29.47
C GLY B 369 -11.81 32.63 28.14
N ILE B 370 -11.09 32.32 27.07
CA ILE B 370 -11.60 32.51 25.71
C ILE B 370 -12.11 31.21 25.14
N ILE B 371 -13.40 31.17 24.81
CA ILE B 371 -14.02 29.98 24.24
C ILE B 371 -14.77 30.31 22.95
N THR B 372 -15.53 31.40 22.98
CA THR B 372 -16.29 31.85 21.81
C THR B 372 -15.58 32.99 21.08
N CYS B 373 -16.05 33.35 19.88
CA CYS B 373 -15.34 34.37 19.10
C CYS B 373 -15.49 35.79 19.64
N THR B 374 -16.55 36.06 20.39
CA THR B 374 -16.72 37.40 20.94
C THR B 374 -15.80 37.54 22.15
N GLU B 375 -15.60 36.47 22.90
CA GLU B 375 -14.61 36.52 23.97
C GLU B 375 -13.23 36.71 23.36
N LEU B 376 -13.04 36.21 22.14
CA LEU B 376 -11.80 36.42 21.44
C LEU B 376 -11.66 37.89 21.09
N TYR B 377 -12.78 38.53 20.84
CA TYR B 377 -12.73 39.93 20.45
C TYR B 377 -12.49 40.81 21.68
N GLN B 378 -13.08 40.41 22.80
CA GLN B 378 -13.01 41.20 24.00
C GLN B 378 -11.62 41.20 24.62
N GLN B 379 -10.83 40.19 24.28
CA GLN B 379 -9.50 40.03 24.87
C GLN B 379 -8.43 40.39 23.88
N ARG B 380 -8.82 41.11 22.83
CA ARG B 380 -7.88 41.39 21.75
C ARG B 380 -6.58 42.08 22.21
N ALA B 381 -6.68 43.01 23.14
CA ALA B 381 -5.54 43.78 23.59
C ALA B 381 -4.53 42.88 24.29
N LEU B 382 -5.04 42.06 25.20
CA LEU B 382 -4.18 41.12 25.91
C LEU B 382 -3.52 40.17 24.92
N LEU B 383 -4.28 39.76 23.90
CA LEU B 383 -3.78 38.83 22.91
C LEU B 383 -2.63 39.45 22.12
N SER B 384 -2.69 40.76 21.86
CA SER B 384 -1.57 41.39 21.15
C SER B 384 -0.32 41.52 22.03
N LEU B 385 -0.42 41.09 23.29
CA LEU B 385 0.72 41.17 24.22
C LEU B 385 1.21 39.80 24.62
N LEU B 386 0.33 38.80 24.50
CA LEU B 386 0.74 37.44 24.81
C LEU B 386 1.22 36.68 23.57
N PHE B 387 0.77 37.13 22.39
CA PHE B 387 1.05 36.42 21.15
C PHE B 387 1.77 37.30 20.16
N SER B 388 2.34 36.69 19.13
CA SER B 388 3.06 37.41 18.10
C SER B 388 2.08 38.07 17.17
N GLU B 389 2.60 39.02 16.40
CA GLU B 389 1.80 39.80 15.47
C GLU B 389 0.90 38.92 14.60
N THR B 390 1.50 37.95 13.92
CA THR B 390 0.75 37.07 13.03
C THR B 390 -0.43 36.40 13.73
N SER B 391 -0.16 35.88 14.91
CA SER B 391 -1.17 35.18 15.69
C SER B 391 -2.35 36.09 16.07
N TRP B 392 -2.07 37.29 16.56
CA TRP B 392 -3.18 38.11 17.03
C TRP B 392 -3.85 38.86 15.89
N HIS B 393 -3.16 39.06 14.78
CA HIS B 393 -3.78 39.61 13.57
C HIS B 393 -4.78 38.59 13.05
N TYR B 394 -4.39 37.33 13.17
CA TYR B 394 -5.21 36.23 12.74
C TYR B 394 -6.44 36.14 13.63
N PHE B 395 -6.21 36.21 14.94
CA PHE B 395 -7.29 36.16 15.91
C PHE B 395 -8.26 37.31 15.70
N LEU B 396 -7.72 38.46 15.27
CA LEU B 396 -8.55 39.63 15.09
C LEU B 396 -9.41 39.44 13.86
N HIS B 397 -8.80 38.90 12.80
CA HIS B 397 -9.57 38.63 11.58
C HIS B 397 -10.69 37.68 11.89
N ILE B 398 -10.42 36.69 12.74
CA ILE B 398 -11.50 35.80 13.12
C ILE B 398 -12.60 36.53 13.86
N SER B 399 -12.22 37.25 14.91
CA SER B 399 -13.18 37.94 15.76
C SER B 399 -14.08 38.91 15.03
N LEU B 400 -13.59 39.40 13.89
CA LEU B 400 -14.33 40.33 13.03
C LEU B 400 -15.02 39.60 11.87
N GLY B 401 -14.92 38.27 11.89
CA GLY B 401 -15.55 37.45 10.86
C GLY B 401 -14.99 37.70 9.46
N LEU B 402 -13.75 38.18 9.38
CA LEU B 402 -13.11 38.39 8.08
C LEU B 402 -12.39 37.14 7.61
N GLY B 403 -12.08 37.10 6.32
CA GLY B 403 -11.39 35.97 5.75
C GLY B 403 -11.18 36.22 4.28
N SER B 404 -10.42 35.34 3.64
CA SER B 404 -10.13 35.48 2.21
C SER B 404 -11.41 35.52 1.38
N THR B 405 -11.50 36.48 0.46
CA THR B 405 -12.69 36.61 -0.38
C THR B 405 -12.42 36.23 -1.83
N HIS B 406 -11.17 35.91 -2.15
CA HIS B 406 -10.85 35.38 -3.47
C HIS B 406 -9.91 34.19 -3.32
N LEU B 407 -10.08 33.21 -4.18
CA LEU B 407 -9.25 32.02 -4.14
C LEU B 407 -7.96 32.31 -4.88
N THR B 408 -6.84 32.23 -4.17
CA THR B 408 -5.54 32.49 -4.77
C THR B 408 -5.15 31.32 -5.66
N ARG B 409 -4.85 31.61 -6.93
CA ARG B 409 -4.49 30.57 -7.91
C ARG B 409 -3.31 29.75 -7.40
N ASP B 410 -3.47 28.43 -7.45
CA ASP B 410 -2.51 27.48 -6.87
C ASP B 410 -1.06 27.74 -7.26
N GLY B 411 -0.26 28.19 -6.30
CA GLY B 411 1.16 28.37 -6.53
C GLY B 411 1.86 27.02 -6.65
N GLU B 412 3.17 27.04 -6.89
CA GLU B 412 3.93 25.82 -7.04
C GLU B 412 4.22 25.26 -5.64
N ARG B 413 4.40 23.94 -5.56
CA ARG B 413 4.70 23.30 -4.28
C ARG B 413 6.04 23.71 -3.70
N LYS B 414 6.14 23.71 -2.37
CA LYS B 414 7.36 24.16 -1.72
C LYS B 414 8.16 22.98 -1.17
N SER B 415 7.57 21.79 -1.18
CA SER B 415 8.27 20.61 -0.69
C SER B 415 7.66 19.30 -1.16
N MET B 416 8.42 18.22 -0.98
CA MET B 416 7.95 16.90 -1.36
C MET B 416 8.56 15.85 -0.45
N SER B 417 7.78 14.93 0.08
CA SER B 417 8.34 13.97 1.01
C SER B 417 7.77 12.58 0.83
N VAL B 418 8.46 11.61 1.41
CA VAL B 418 7.98 10.25 1.51
C VAL B 418 8.42 9.72 2.85
N GLU B 419 7.49 9.13 3.60
CA GLU B 419 7.84 8.58 4.88
C GLU B 419 7.02 7.35 5.10
N ARG B 420 7.42 6.55 6.08
CA ARG B 420 6.81 5.24 6.27
C ARG B 420 7.05 4.71 7.67
N THR B 421 5.97 4.21 8.26
CA THR B 421 6.01 3.52 9.55
C THR B 421 6.17 2.02 9.33
N PHE B 422 6.90 1.38 10.23
CA PHE B 422 7.14 -0.06 10.16
C PHE B 422 7.34 -0.60 11.55
N SER B 423 7.36 -1.93 11.65
CA SER B 423 7.76 -2.59 12.88
C SER B 423 9.22 -2.23 13.12
N GLU B 424 9.67 -2.39 14.36
CA GLU B 424 10.95 -1.83 14.78
C GLU B 424 12.14 -2.23 13.88
N ILE B 425 12.93 -1.25 13.49
CA ILE B 425 14.22 -1.47 12.83
C ILE B 425 15.36 -0.89 13.66
N ASN B 426 16.26 -1.73 14.16
CA ASN B 426 17.36 -1.22 14.98
C ASN B 426 18.76 -1.47 14.39
N LYS B 427 18.86 -2.41 13.47
CA LYS B 427 20.13 -2.64 12.76
C LYS B 427 20.44 -1.49 11.81
N ALA B 428 21.65 -0.94 11.90
CA ALA B 428 22.02 0.21 11.07
C ALA B 428 22.00 -0.06 9.57
N GLU B 429 22.48 -1.23 9.15
CA GLU B 429 22.60 -1.54 7.72
C GLU B 429 21.22 -1.55 7.07
N GLU B 430 20.26 -2.01 7.85
CA GLU B 430 18.88 -2.06 7.40
C GLU B 430 18.34 -0.65 7.32
N GLN B 431 18.73 0.20 8.27
CA GLN B 431 18.27 1.58 8.28
C GLN B 431 18.79 2.35 7.08
N TYR B 432 20.04 2.12 6.74
CA TYR B 432 20.58 2.72 5.54
C TYR B 432 19.83 2.19 4.31
N SER B 433 19.46 0.91 4.31
CA SER B 433 18.73 0.39 3.14
C SER B 433 17.36 1.06 3.01
N LEU B 434 16.68 1.20 4.14
CA LEU B 434 15.36 1.80 4.09
C LEU B 434 15.47 3.24 3.62
N CYS B 435 16.50 3.93 4.09
CA CYS B 435 16.75 5.32 3.71
C CYS B 435 16.99 5.44 2.21
N GLN B 436 17.79 4.53 1.68
CA GLN B 436 18.09 4.55 0.25
C GLN B 436 16.81 4.30 -0.55
N GLU B 437 15.96 3.41 -0.04
CA GLU B 437 14.72 3.14 -0.75
C GLU B 437 13.80 4.38 -0.78
N LEU B 438 13.62 5.02 0.37
CA LEU B 438 12.82 6.24 0.43
C LEU B 438 13.37 7.27 -0.54
N CYS B 439 14.68 7.41 -0.57
CA CYS B 439 15.29 8.34 -1.51
C CYS B 439 14.96 7.97 -2.95
N SER B 440 14.94 6.68 -3.27
CA SER B 440 14.56 6.26 -4.62
C SER B 440 13.15 6.68 -4.96
N GLU B 441 12.22 6.43 -4.03
CA GLU B 441 10.84 6.83 -4.26
C GLU B 441 10.70 8.32 -4.52
N LEU B 442 11.38 9.10 -3.68
CA LEU B 442 11.29 10.55 -3.74
C LEU B 442 11.85 11.03 -5.07
N ALA B 443 12.98 10.47 -5.47
CA ALA B 443 13.58 10.85 -6.75
C ALA B 443 12.61 10.56 -7.88
N GLN B 444 11.91 9.42 -7.79
CA GLN B 444 10.96 9.08 -8.84
C GLN B 444 9.82 10.12 -8.91
N ASP B 445 9.39 10.61 -7.74
CA ASP B 445 8.32 11.61 -7.71
C ASP B 445 8.77 12.96 -8.33
N LEU B 446 10.01 13.33 -8.00
CA LEU B 446 10.59 14.55 -8.56
C LEU B 446 10.63 14.44 -10.06
N GLN B 447 10.92 13.23 -10.54
CA GLN B 447 11.03 13.04 -11.97
C GLN B 447 9.64 13.25 -12.57
N LYS B 448 8.62 12.73 -11.89
CA LYS B 448 7.26 12.85 -12.40
C LYS B 448 6.81 14.32 -12.51
N GLU B 449 7.37 15.19 -11.67
CA GLU B 449 7.02 16.62 -11.79
C GLU B 449 8.17 17.47 -12.33
N ARG B 450 9.29 16.83 -12.67
CA ARG B 450 10.49 17.51 -13.14
C ARG B 450 10.98 18.61 -12.20
N LEU B 451 11.18 18.25 -10.94
CA LEU B 451 11.65 19.19 -9.94
C LEU B 451 13.01 18.78 -9.37
N LYS B 452 13.76 19.79 -8.93
CA LYS B 452 15.05 19.58 -8.28
C LYS B 452 15.15 20.55 -7.12
N GLY B 453 15.74 20.13 -6.01
CA GLY B 453 15.83 20.99 -4.84
C GLY B 453 17.22 21.08 -4.25
N ARG B 454 17.38 21.92 -3.23
CA ARG B 454 18.69 22.12 -2.64
C ARG B 454 18.71 21.69 -1.19
N THR B 455 17.56 21.33 -0.65
CA THR B 455 17.49 20.93 0.76
C THR B 455 16.92 19.53 0.94
N VAL B 456 17.68 18.68 1.63
CA VAL B 456 17.25 17.32 1.92
C VAL B 456 17.10 17.18 3.42
N THR B 457 15.91 16.75 3.84
CA THR B 457 15.60 16.58 5.27
C THR B 457 15.20 15.14 5.53
N ILE B 458 15.75 14.53 6.58
CA ILE B 458 15.31 13.18 6.95
C ILE B 458 14.54 13.29 8.25
N LYS B 459 13.61 12.36 8.46
CA LYS B 459 12.73 12.37 9.63
C LYS B 459 12.84 11.02 10.32
N LEU B 460 13.05 11.05 11.63
CA LEU B 460 13.19 9.84 12.39
C LEU B 460 12.19 9.84 13.53
N LYS B 461 11.42 8.77 13.66
CA LYS B 461 10.53 8.66 14.81
C LYS B 461 10.91 7.35 15.51
N ASN B 462 11.39 7.42 16.75
CA ASN B 462 11.80 6.19 17.41
C ASN B 462 10.60 5.47 18.02
N VAL B 463 10.86 4.35 18.67
CA VAL B 463 9.78 3.48 19.14
C VAL B 463 9.03 4.08 20.32
N ASN B 464 9.52 5.21 20.81
CA ASN B 464 8.83 5.95 21.85
C ASN B 464 8.07 7.13 21.23
N PHE B 465 7.92 7.07 19.92
CA PHE B 465 7.16 8.05 19.14
C PHE B 465 7.73 9.45 19.19
N GLU B 466 8.97 9.59 19.64
CA GLU B 466 9.66 10.88 19.62
C GLU B 466 10.21 11.17 18.21
N VAL B 467 9.95 12.38 17.70
CA VAL B 467 10.32 12.74 16.32
C VAL B 467 11.47 13.76 16.21
N LYS B 468 12.47 13.40 15.42
CA LYS B 468 13.57 14.29 15.07
C LYS B 468 13.55 14.56 13.58
N THR B 469 14.14 15.67 13.17
CA THR B 469 14.31 15.98 11.75
C THR B 469 15.69 16.58 11.57
N ARG B 470 16.35 16.23 10.47
CA ARG B 470 17.70 16.70 10.22
C ARG B 470 17.82 17.11 8.76
N ALA B 471 18.13 18.37 8.53
CA ALA B 471 18.19 18.88 7.17
C ALA B 471 19.61 19.25 6.80
N SER B 472 19.85 19.28 5.50
CA SER B 472 21.10 19.79 4.93
C SER B 472 20.78 20.48 3.63
N THR B 473 21.24 21.72 3.50
CA THR B 473 21.04 22.47 2.28
C THR B 473 22.34 22.55 1.52
N VAL B 474 22.26 22.36 0.21
CA VAL B 474 23.43 22.22 -0.62
C VAL B 474 23.46 23.31 -1.70
N SER B 475 24.67 23.78 -2.01
CA SER B 475 24.90 24.86 -2.95
C SER B 475 24.21 24.64 -4.31
N SER B 476 24.31 23.44 -4.84
CA SER B 476 23.72 23.16 -6.14
C SER B 476 22.48 22.28 -6.00
N VAL B 477 21.53 22.48 -6.90
CA VAL B 477 20.30 21.70 -6.88
C VAL B 477 20.58 20.19 -7.09
N VAL B 478 19.75 19.34 -6.50
CA VAL B 478 19.87 17.89 -6.66
C VAL B 478 18.51 17.26 -6.96
N SER B 479 18.51 16.08 -7.60
CA SER B 479 17.25 15.46 -7.98
C SER B 479 17.28 13.92 -8.00
N THR B 480 18.44 13.32 -8.28
CA THR B 480 18.52 11.86 -8.41
C THR B 480 18.61 11.12 -7.07
N ALA B 481 18.32 9.82 -7.12
CA ALA B 481 18.33 8.98 -5.93
C ALA B 481 19.72 8.92 -5.32
N GLU B 482 20.74 9.04 -6.18
CA GLU B 482 22.10 8.98 -5.71
C GLU B 482 22.41 10.24 -4.93
N GLU B 483 21.99 11.38 -5.45
CA GLU B 483 22.21 12.66 -4.78
C GLU B 483 21.52 12.76 -3.41
N ILE B 484 20.22 12.53 -3.43
CA ILE B 484 19.42 12.62 -2.23
C ILE B 484 19.94 11.65 -1.19
N PHE B 485 20.27 10.43 -1.62
CA PHE B 485 20.79 9.46 -0.68
C PHE B 485 22.18 9.85 -0.19
N ALA B 486 22.92 10.56 -1.03
CA ALA B 486 24.25 11.03 -0.64
C ALA B 486 24.11 11.92 0.58
N ILE B 487 23.15 12.84 0.55
CA ILE B 487 22.92 13.70 1.70
C ILE B 487 22.30 12.98 2.92
N ALA B 488 21.24 12.24 2.62
CA ALA B 488 20.45 11.59 3.65
C ALA B 488 21.30 10.57 4.43
N LYS B 489 22.13 9.84 3.71
CA LYS B 489 23.04 8.85 4.28
C LYS B 489 23.87 9.47 5.38
N GLU B 490 24.47 10.62 5.09
CA GLU B 490 25.32 11.25 6.10
C GLU B 490 24.51 11.79 7.28
N LEU B 491 23.32 12.34 7.02
CA LEU B 491 22.50 12.81 8.13
C LEU B 491 22.16 11.66 9.09
N LEU B 492 21.77 10.54 8.49
CA LEU B 492 21.43 9.34 9.23
C LEU B 492 22.65 8.80 9.99
N LYS B 493 23.81 8.87 9.33
CA LYS B 493 25.06 8.44 9.96
C LYS B 493 25.34 9.22 11.23
N THR B 494 25.16 10.54 11.14
CA THR B 494 25.31 11.42 12.30
C THR B 494 24.37 11.05 13.45
N GLU B 495 23.13 10.72 13.11
CA GLU B 495 22.21 10.33 14.18
C GLU B 495 22.54 8.93 14.78
N ILE B 496 23.06 8.03 13.96
CA ILE B 496 23.42 6.69 14.42
C ILE B 496 24.65 6.75 15.31
N ASP B 497 25.56 7.66 14.98
CA ASP B 497 26.77 7.86 15.78
C ASP B 497 26.42 8.49 17.12
N ALA B 498 25.48 9.43 17.12
CA ALA B 498 25.16 10.15 18.35
C ALA B 498 24.71 9.27 19.53
N ASP B 499 24.34 8.02 19.26
CA ASP B 499 23.88 7.15 20.35
C ASP B 499 24.88 6.04 20.64
N PHE B 500 25.96 5.97 19.85
CA PHE B 500 26.89 4.87 19.95
C PHE B 500 27.38 4.68 21.39
N PRO B 501 27.45 3.42 21.85
CA PRO B 501 27.25 2.17 21.12
C PRO B 501 25.79 1.73 21.05
N HIS B 502 24.86 2.67 21.16
CA HIS B 502 23.47 2.28 21.17
C HIS B 502 22.87 2.41 19.78
N PRO B 503 22.03 1.44 19.41
CA PRO B 503 21.36 1.48 18.11
C PRO B 503 20.15 2.40 18.13
N LEU B 504 19.87 3.00 16.97
CA LEU B 504 18.64 3.75 16.77
C LEU B 504 17.49 2.76 16.73
N ARG B 505 16.56 2.86 17.66
CA ARG B 505 15.37 2.02 17.61
C ARG B 505 14.29 2.81 16.88
N LEU B 506 14.12 2.55 15.58
CA LEU B 506 13.20 3.35 14.74
C LEU B 506 11.88 2.67 14.38
N ARG B 507 10.80 3.44 14.43
CA ARG B 507 9.48 2.97 13.99
C ARG B 507 9.05 3.64 12.70
N LEU B 508 9.79 4.66 12.29
CA LEU B 508 9.41 5.42 11.11
C LEU B 508 10.59 6.17 10.57
N MET B 509 10.66 6.25 9.26
CA MET B 509 11.70 7.06 8.62
C MET B 509 11.11 7.78 7.42
N GLY B 510 11.64 8.96 7.12
CA GLY B 510 11.14 9.73 6.01
C GLY B 510 12.23 10.58 5.40
N VAL B 511 12.06 10.92 4.13
CA VAL B 511 12.99 11.78 3.42
C VAL B 511 12.18 12.85 2.70
N ARG B 512 12.59 14.10 2.87
CA ARG B 512 11.91 15.23 2.28
C ARG B 512 12.88 16.13 1.54
N ILE B 513 12.45 16.66 0.39
CA ILE B 513 13.25 17.62 -0.34
C ILE B 513 12.49 18.92 -0.53
N SER B 514 13.23 20.02 -0.40
CA SER B 514 12.65 21.35 -0.60
C SER B 514 13.71 22.34 -1.10
N SER B 515 13.36 23.62 -1.02
CA SER B 515 14.16 24.74 -1.56
C SER B 515 14.29 24.62 -3.07
N PHE B 516 13.14 24.47 -3.71
CA PHE B 516 13.03 24.40 -5.16
C PHE B 516 13.41 25.78 -5.72
N PRO B 517 13.82 25.83 -6.99
CA PRO B 517 14.39 27.07 -7.56
C PRO B 517 13.39 28.22 -7.73
N ASN B 518 12.23 27.94 -8.31
CA ASN B 518 11.18 28.95 -8.51
C ASN B 518 11.64 30.07 -9.45
MG MG G . 5.66 -27.99 -7.80
MG MG H . 11.00 -19.51 2.30
MG MG I . 10.22 -19.76 -0.30
N1 DCT J . 4.42 -15.90 -2.01
C2 DCT J . 3.51 -15.23 -2.85
N3 DCT J . 2.41 -15.87 -3.33
C4 DCT J . 2.17 -17.16 -3.00
C5 DCT J . 3.06 -17.87 -2.16
C6 DCT J . 4.19 -17.21 -1.67
O2 DCT J . 3.71 -14.04 -3.16
N4 DCT J . 1.07 -17.79 -3.48
C1' DCT J . 5.60 -15.20 -1.51
C2' DCT J . 5.39 -14.63 -0.12
C3' DCT J . 6.58 -15.10 0.70
C4' DCT J . 7.48 -15.86 -0.26
O4' DCT J . 6.70 -16.11 -1.44
C5' DCT J . 7.89 -17.19 0.37
O5' DCT J . 6.72 -17.79 0.94
PA DCT J . 6.58 -19.38 1.01
O1A DCT J . 5.15 -19.74 0.67
O2A DCT J . 7.72 -20.00 0.23
O3A DCT J . 6.81 -19.70 2.57
PB DCT J . 7.91 -19.11 3.60
O1B DCT J . 7.24 -18.08 4.46
O2B DCT J . 9.15 -18.75 2.81
O3B DCT J . 8.26 -20.40 4.50
PG DCT J . 8.95 -21.80 4.12
O1G DCT J . 9.58 -21.53 2.78
O2G DCT J . 7.80 -22.77 4.09
O3G DCT J . 9.93 -22.04 5.24
C1 PGE K . 1.85 10.66 12.52
O1 PGE K . 0.80 11.30 11.80
C2 PGE K . 3.07 10.47 11.63
O2 PGE K . 4.22 10.95 12.31
C3 PGE K . 4.26 12.37 12.29
C4 PGE K . 4.67 12.87 13.67
O4 PGE K . 4.82 16.58 12.75
C6 PGE K . 5.75 16.21 13.77
C5 PGE K . 5.21 15.03 14.59
O3 PGE K . 4.34 14.26 13.74
MG MG L . -10.18 24.10 13.85
MG MG M . -15.90 15.59 4.57
MG MG N . -13.51 17.21 4.92
N1 DCT O . -7.89 12.80 6.34
C2 DCT O . -6.63 12.52 6.83
N3 DCT O . -6.36 12.64 8.12
C4 DCT O . -7.29 13.02 8.97
C5 DCT O . -8.58 13.32 8.53
C6 DCT O . -8.86 13.20 7.19
O2 DCT O . -5.75 12.17 6.06
N4 DCT O . -7.00 13.13 10.25
C1' DCT O . -8.17 12.64 4.95
C2' DCT O . -8.84 11.31 4.81
C3' DCT O . -10.24 11.65 5.20
C4' DCT O . -10.44 13.06 4.67
O4' DCT O . -9.11 13.58 4.53
C5' DCT O . -11.16 14.01 5.60
O5' DCT O . -11.92 13.28 6.53
PA DCT O . -13.02 14.10 7.37
O1A DCT O . -12.54 14.21 8.80
O2A DCT O . -13.37 15.35 6.59
O3A DCT O . -14.28 13.11 7.34
PB DCT O . -15.31 12.67 6.18
O1B DCT O . -15.20 11.17 6.00
O2B DCT O . -15.11 13.59 5.00
O3B DCT O . -16.74 12.99 6.84
PG DCT O . -17.40 14.40 7.24
O1G DCT O . -16.69 14.79 8.52
O2G DCT O . -18.87 14.08 7.42
O3G DCT O . -17.11 15.30 6.07
#